data_4Q00
#
_entry.id   4Q00
#
_cell.length_a   74.583
_cell.length_b   56.164
_cell.length_c   91.923
_cell.angle_alpha   90.000
_cell.angle_beta   91.860
_cell.angle_gamma   90.000
#
_symmetry.space_group_name_H-M   'P 1 21 1'
#
loop_
_entity.id
_entity.type
_entity.pdbx_description
1 polymer 'Ferrous iron transport protein B'
2 non-polymer 'SULFATE ION'
3 water water
#
_entity_poly.entity_id   1
_entity_poly.type   'polypeptide(L)'
_entity_poly.pdbx_seq_one_letter_code
;MKKLTIGLIGNPNSGKTTLFNQLTGSRQRVGNWAGVTVERKEGQFSTTDHQVTLVDLPGTYSLTTISSQTSLDEQIACHY
ILSGDADLLINVVDASNLERNLYLTLQLLELGIPCIVALNMLDIAEKQNIRIEIDALSARLGCPVIPLVATRGRGIEALK
LAIDRYKANENVELVHYAQPLLNEADSLAKVMPSDIPLKQRRWLGLQMLEGDIYSRAYAGEASQHLDAALARLRNEMDDP
ALHIADARYQCIAAICDVVSN
;
_entity_poly.pdbx_strand_id   A,B,C
#
loop_
_chem_comp.id
_chem_comp.type
_chem_comp.name
_chem_comp.formula
SO4 non-polymer 'SULFATE ION' 'O4 S -2'
#
# COMPACT_ATOMS: atom_id res chain seq x y z
N LYS A 2 20.21 -8.45 20.76
CA LYS A 2 19.53 -8.03 19.51
C LYS A 2 18.46 -7.00 19.85
N LYS A 3 18.62 -5.80 19.32
CA LYS A 3 17.69 -4.72 19.59
C LYS A 3 16.48 -4.85 18.68
N LEU A 4 15.32 -4.50 19.21
CA LEU A 4 14.08 -4.49 18.44
C LEU A 4 13.39 -3.15 18.63
N THR A 5 12.79 -2.65 17.55
CA THR A 5 11.93 -1.49 17.63
C THR A 5 10.49 -1.95 17.46
N ILE A 6 9.68 -1.67 18.47
CA ILE A 6 8.29 -2.08 18.48
C ILE A 6 7.38 -0.86 18.56
N GLY A 7 6.44 -0.76 17.62
CA GLY A 7 5.39 0.23 17.66
C GLY A 7 4.19 -0.28 18.44
N LEU A 8 3.65 0.55 19.32
CA LEU A 8 2.46 0.21 20.10
C LEU A 8 1.27 0.96 19.51
N ILE A 9 0.30 0.21 19.00
CA ILE A 9 -0.81 0.80 18.26
C ILE A 9 -2.14 0.19 18.67
N GLY A 10 -3.15 1.05 18.75
CA GLY A 10 -4.51 0.61 19.09
C GLY A 10 -5.48 1.77 19.06
N ASN A 11 -6.77 1.44 19.19
CA ASN A 11 -7.82 2.46 19.24
C ASN A 11 -7.66 3.37 20.46
N PRO A 12 -8.24 4.58 20.41
CA PRO A 12 -8.39 5.35 21.63
C PRO A 12 -9.14 4.53 22.70
N ASN A 13 -8.71 4.67 23.95
CA ASN A 13 -9.32 3.99 25.10
C ASN A 13 -9.24 2.45 25.04
N SER A 14 -8.16 1.93 24.46
CA SER A 14 -7.88 0.50 24.47
C SER A 14 -6.94 0.07 25.62
N GLY A 15 -6.57 1.02 26.49
CA GLY A 15 -5.62 0.76 27.59
C GLY A 15 -4.16 0.90 27.16
N LYS A 16 -3.92 1.56 26.04
CA LYS A 16 -2.59 1.61 25.42
C LYS A 16 -1.57 2.38 26.25
N THR A 17 -1.98 3.54 26.76
CA THR A 17 -1.15 4.38 27.63
C THR A 17 -0.70 3.61 28.87
N THR A 18 -1.64 2.89 29.47
CA THR A 18 -1.37 2.13 30.68
C THR A 18 -0.36 1.02 30.40
N LEU A 19 -0.56 0.29 29.31
CA LEU A 19 0.34 -0.79 28.91
C LEU A 19 1.75 -0.28 28.61
N PHE A 20 1.82 0.82 27.88
CA PHE A 20 3.09 1.47 27.60
C PHE A 20 3.83 1.77 28.91
N ASN A 21 3.13 2.39 29.86
CA ASN A 21 3.72 2.77 31.14
C ASN A 21 4.19 1.56 31.95
N GLN A 22 3.37 0.51 32.00
CA GLN A 22 3.74 -0.72 32.70
C GLN A 22 4.95 -1.41 32.07
N LEU A 23 5.02 -1.41 30.74
CA LEU A 23 6.12 -2.05 30.02
C LEU A 23 7.44 -1.33 30.19
N THR A 24 7.41 0.00 30.19
CA THR A 24 8.63 0.80 30.17
C THR A 24 9.03 1.34 31.56
N GLY A 25 8.06 1.39 32.48
CA GLY A 25 8.29 1.98 33.79
C GLY A 25 8.89 3.38 33.65
N SER A 26 9.93 3.66 34.43
CA SER A 26 10.58 4.97 34.40
C SER A 26 11.63 5.09 33.29
N ARG A 27 11.81 4.04 32.50
CA ARG A 27 12.71 4.08 31.35
C ARG A 27 11.96 4.58 30.12
N GLN A 28 11.55 5.84 30.16
CA GLN A 28 10.86 6.43 29.03
C GLN A 28 11.24 7.88 28.85
N ARG A 29 10.97 8.38 27.65
CA ARG A 29 11.39 9.69 27.22
C ARG A 29 10.29 10.28 26.35
N VAL A 30 9.89 11.52 26.64
CA VAL A 30 8.77 12.16 25.97
C VAL A 30 9.27 13.24 25.02
N GLY A 31 9.08 13.03 23.71
CA GLY A 31 9.48 14.00 22.69
C GLY A 31 8.28 14.47 21.88
N ASN A 32 8.46 14.56 20.57
CA ASN A 32 7.37 14.92 19.65
C ASN A 32 7.66 14.43 18.23
N TRP A 33 6.64 14.44 17.38
CA TRP A 33 6.70 13.79 16.08
C TRP A 33 7.32 14.63 14.95
N ALA A 34 7.92 15.77 15.29
CA ALA A 34 8.60 16.63 14.31
C ALA A 34 7.61 17.34 13.40
N GLU A 39 3.09 14.92 20.47
CA GLU A 39 3.82 14.27 21.56
C GLU A 39 4.13 12.81 21.21
N ARG A 40 5.42 12.48 21.27
CA ARG A 40 5.93 11.16 20.88
C ARG A 40 6.61 10.52 22.08
N LYS A 41 5.96 9.49 22.66
CA LYS A 41 6.51 8.79 23.80
C LYS A 41 7.31 7.56 23.38
N GLU A 42 8.51 7.46 23.93
CA GLU A 42 9.44 6.40 23.64
C GLU A 42 9.97 5.80 24.93
N GLY A 43 10.16 4.48 24.96
CA GLY A 43 10.65 3.79 26.15
C GLY A 43 11.43 2.53 25.87
N GLN A 44 12.05 2.01 26.94
CA GLN A 44 12.89 0.82 26.84
C GLN A 44 12.40 -0.27 27.77
N PHE A 45 12.50 -1.51 27.33
CA PHE A 45 12.40 -2.63 28.25
C PHE A 45 13.15 -3.81 27.66
N SER A 46 13.32 -4.82 28.48
CA SER A 46 14.12 -5.97 28.12
C SER A 46 13.23 -7.21 28.17
N THR A 47 13.48 -8.14 27.26
CA THR A 47 12.88 -9.47 27.31
C THR A 47 14.02 -10.42 27.64
N THR A 48 13.82 -11.72 27.45
CA THR A 48 14.92 -12.66 27.63
C THR A 48 16.01 -12.43 26.57
N ASP A 49 15.62 -12.29 25.30
CA ASP A 49 16.58 -12.16 24.20
C ASP A 49 16.82 -10.73 23.73
N HIS A 50 15.91 -9.80 24.02
CA HIS A 50 15.91 -8.51 23.32
C HIS A 50 15.94 -7.30 24.23
N GLN A 51 16.54 -6.22 23.71
CA GLN A 51 16.42 -4.88 24.25
C GLN A 51 15.47 -4.15 23.32
N VAL A 52 14.27 -3.85 23.83
CA VAL A 52 13.20 -3.33 23.01
C VAL A 52 13.09 -1.82 23.17
N THR A 53 13.09 -1.09 22.06
CA THR A 53 12.67 0.31 22.07
C THR A 53 11.20 0.35 21.67
N LEU A 54 10.36 0.74 22.62
CA LEU A 54 8.92 0.80 22.40
C LEU A 54 8.50 2.22 22.01
N VAL A 55 7.85 2.34 20.85
CA VAL A 55 7.37 3.64 20.36
C VAL A 55 5.86 3.71 20.44
N ASP A 56 5.36 4.66 21.23
CA ASP A 56 3.92 4.81 21.41
C ASP A 56 3.32 5.60 20.24
N LEU A 57 2.46 4.96 19.47
CA LEU A 57 1.79 5.63 18.36
C LEU A 57 0.48 6.23 18.85
N PRO A 58 0.06 7.38 18.30
CA PRO A 58 -1.20 8.00 18.69
C PRO A 58 -2.40 7.05 18.52
N GLY A 59 -3.36 7.11 19.43
CA GLY A 59 -4.56 6.28 19.35
C GLY A 59 -5.29 6.54 18.04
N THR A 60 -5.77 5.48 17.40
CA THR A 60 -6.51 5.62 16.15
C THR A 60 -7.37 4.39 15.82
N TYR A 61 -8.49 4.62 15.15
CA TYR A 61 -9.42 3.55 14.75
C TYR A 61 -9.06 2.96 13.40
N SER A 62 -8.21 3.67 12.65
CA SER A 62 -7.85 3.27 11.29
C SER A 62 -6.59 4.00 10.85
N LEU A 63 -5.84 3.41 9.93
CA LEU A 63 -4.69 4.10 9.34
C LEU A 63 -5.15 5.17 8.35
N THR A 64 -6.41 5.11 7.93
CA THR A 64 -6.95 6.10 7.01
C THR A 64 -8.45 6.35 7.23
N THR A 65 -8.99 7.27 6.43
CA THR A 65 -10.42 7.58 6.44
C THR A 65 -10.86 7.62 4.98
N ILE A 66 -11.82 6.77 4.61
CA ILE A 66 -12.30 6.71 3.23
C ILE A 66 -13.31 7.82 2.95
N SER A 67 -14.34 7.91 3.78
CA SER A 67 -15.52 8.71 3.47
C SER A 67 -15.40 10.17 3.89
N SER A 68 -14.44 10.48 4.76
CA SER A 68 -14.32 11.82 5.33
C SER A 68 -12.86 12.20 5.56
N GLN A 69 -12.65 13.31 6.27
CA GLN A 69 -11.31 13.86 6.46
C GLN A 69 -10.53 13.08 7.50
N THR A 70 -9.23 12.94 7.24
CA THR A 70 -8.34 12.26 8.18
C THR A 70 -7.92 13.19 9.30
N SER A 71 -7.44 12.60 10.39
CA SER A 71 -6.91 13.38 11.52
C SER A 71 -5.38 13.34 11.50
N LEU A 72 -4.78 14.24 12.26
CA LEU A 72 -3.33 14.30 12.41
C LEU A 72 -2.80 13.00 13.03
N ASP A 73 -3.37 12.59 14.15
CA ASP A 73 -2.98 11.33 14.83
C ASP A 73 -2.98 10.17 13.85
N GLU A 74 -4.02 10.11 13.02
CA GLU A 74 -4.17 9.09 12.00
C GLU A 74 -3.04 9.13 10.98
N GLN A 75 -2.71 10.32 10.50
CA GLN A 75 -1.63 10.48 9.53
C GLN A 75 -0.25 10.17 10.13
N ILE A 76 -0.06 10.45 11.42
CA ILE A 76 1.20 10.13 12.10
C ILE A 76 1.37 8.62 12.22
N ALA A 77 0.32 7.94 12.68
CA ALA A 77 0.32 6.48 12.78
C ALA A 77 0.60 5.84 11.43
N CYS A 78 -0.11 6.30 10.40
CA CYS A 78 0.01 5.72 9.07
C CYS A 78 1.42 5.86 8.52
N HIS A 79 1.96 7.08 8.59
CA HIS A 79 3.30 7.35 8.08
C HIS A 79 4.35 6.54 8.84
N TYR A 80 4.24 6.46 10.16
CA TYR A 80 5.18 5.65 10.92
C TYR A 80 5.10 4.19 10.48
N ILE A 81 3.88 3.66 10.43
CA ILE A 81 3.65 2.27 10.07
C ILE A 81 4.23 1.95 8.70
N LEU A 82 4.01 2.83 7.73
CA LEU A 82 4.50 2.60 6.37
C LEU A 82 6.01 2.85 6.21
N SER A 83 6.61 3.63 7.12
CA SER A 83 8.06 3.87 7.12
C SER A 83 8.88 2.61 7.31
N GLY A 84 8.33 1.63 8.02
CA GLY A 84 9.03 0.38 8.31
C GLY A 84 10.13 0.49 9.36
N ASP A 85 10.06 1.53 10.20
CA ASP A 85 11.02 1.68 11.30
C ASP A 85 10.87 0.57 12.34
N ALA A 86 9.65 0.16 12.62
CA ALA A 86 9.38 -0.88 13.60
C ALA A 86 9.70 -2.25 13.04
N ASP A 87 10.38 -3.08 13.83
CA ASP A 87 10.56 -4.49 13.49
C ASP A 87 9.25 -5.26 13.63
N LEU A 88 8.42 -4.82 14.56
CA LEU A 88 7.08 -5.37 14.70
C LEU A 88 6.20 -4.43 15.49
N LEU A 89 4.91 -4.73 15.52
CA LEU A 89 3.94 -3.93 16.24
C LEU A 89 3.25 -4.77 17.28
N ILE A 90 2.88 -4.11 18.38
CA ILE A 90 1.98 -4.67 19.37
C ILE A 90 0.67 -3.91 19.24
N ASN A 91 -0.34 -4.63 18.78
CA ASN A 91 -1.64 -4.09 18.49
C ASN A 91 -2.52 -4.36 19.72
N VAL A 92 -2.74 -3.33 20.52
CA VAL A 92 -3.56 -3.42 21.73
CA VAL A 92 -3.55 -3.47 21.72
C VAL A 92 -5.02 -3.38 21.35
N VAL A 93 -5.76 -4.42 21.70
CA VAL A 93 -7.15 -4.57 21.27
C VAL A 93 -8.07 -4.72 22.47
N ASP A 94 -9.17 -3.97 22.45
CA ASP A 94 -10.18 -4.01 23.50
C ASP A 94 -11.09 -5.22 23.25
N ALA A 95 -10.92 -6.24 24.09
CA ALA A 95 -11.68 -7.46 23.99
C ALA A 95 -13.19 -7.27 24.14
N SER A 96 -13.61 -6.16 24.76
CA SER A 96 -15.04 -5.90 24.97
C SER A 96 -15.72 -5.24 23.74
N ASN A 97 -14.92 -4.74 22.80
CA ASN A 97 -15.42 -4.13 21.58
C ASN A 97 -14.64 -4.66 20.39
N LEU A 98 -14.65 -5.99 20.22
CA LEU A 98 -13.72 -6.65 19.31
C LEU A 98 -13.93 -6.25 17.86
N GLU A 99 -15.17 -6.32 17.37
CA GLU A 99 -15.48 -6.03 15.98
C GLU A 99 -14.96 -4.65 15.55
N ARG A 100 -15.24 -3.62 16.35
CA ARG A 100 -14.74 -2.29 16.05
C ARG A 100 -13.22 -2.26 16.04
N ASN A 101 -12.61 -2.97 16.99
CA ASN A 101 -11.14 -2.92 17.15
C ASN A 101 -10.39 -3.61 16.01
N LEU A 102 -10.98 -4.64 15.42
CA LEU A 102 -10.29 -5.43 14.39
C LEU A 102 -10.15 -4.71 13.05
N TYR A 103 -10.87 -3.60 12.87
CA TYR A 103 -10.74 -2.81 11.65
C TYR A 103 -9.30 -2.35 11.43
N LEU A 104 -8.68 -1.80 12.46
CA LEU A 104 -7.28 -1.41 12.43
C LEU A 104 -6.35 -2.61 12.27
N THR A 105 -6.60 -3.63 13.09
CA THR A 105 -5.86 -4.89 13.05
C THR A 105 -5.79 -5.50 11.64
N LEU A 106 -6.93 -5.55 10.96
CA LEU A 106 -7.00 -6.07 9.60
C LEU A 106 -6.07 -5.33 8.64
N GLN A 107 -5.99 -4.01 8.78
CA GLN A 107 -5.14 -3.16 7.93
C GLN A 107 -3.67 -3.49 8.14
N LEU A 108 -3.29 -3.64 9.41
CA LEU A 108 -1.92 -3.99 9.75
C LEU A 108 -1.56 -5.35 9.15
N LEU A 109 -2.50 -6.29 9.21
CA LEU A 109 -2.27 -7.64 8.70
C LEU A 109 -2.29 -7.70 7.17
N GLU A 110 -3.17 -6.92 6.54
CA GLU A 110 -3.18 -6.84 5.06
C GLU A 110 -1.89 -6.20 4.55
N LEU A 111 -1.34 -5.28 5.34
CA LEU A 111 -0.07 -4.65 5.01
C LEU A 111 1.14 -5.57 5.19
N GLY A 112 0.94 -6.72 5.82
CA GLY A 112 2.02 -7.67 6.05
C GLY A 112 2.96 -7.32 7.18
N ILE A 113 2.55 -6.39 8.04
CA ILE A 113 3.40 -5.94 9.13
C ILE A 113 3.43 -6.97 10.26
N PRO A 114 4.63 -7.41 10.67
CA PRO A 114 4.77 -8.31 11.80
C PRO A 114 3.97 -7.76 13.00
N CYS A 115 3.13 -8.60 13.58
CA CYS A 115 2.16 -8.14 14.58
CA CYS A 115 2.16 -8.14 14.59
C CYS A 115 1.98 -9.13 15.71
N ILE A 116 1.75 -8.61 16.92
CA ILE A 116 1.31 -9.38 18.06
C ILE A 116 0.09 -8.67 18.61
N VAL A 117 -1.05 -9.38 18.63
CA VAL A 117 -2.26 -8.84 19.23
C VAL A 117 -2.19 -9.03 20.74
N ALA A 118 -2.41 -7.95 21.47
CA ALA A 118 -2.48 -7.99 22.91
C ALA A 118 -3.92 -7.70 23.31
N LEU A 119 -4.66 -8.75 23.68
CA LEU A 119 -6.07 -8.61 24.04
C LEU A 119 -6.20 -7.97 25.42
N ASN A 120 -6.71 -6.76 25.45
CA ASN A 120 -6.83 -6.00 26.68
C ASN A 120 -8.27 -5.94 27.15
N MET A 121 -8.45 -5.43 28.36
CA MET A 121 -9.77 -5.22 28.96
C MET A 121 -10.58 -6.51 29.05
N LEU A 122 -9.91 -7.56 29.51
CA LEU A 122 -10.51 -8.88 29.70
C LEU A 122 -11.54 -8.86 30.81
N ASP A 123 -11.29 -8.07 31.85
CA ASP A 123 -12.23 -7.88 32.95
C ASP A 123 -13.57 -7.34 32.42
N ILE A 124 -13.51 -6.24 31.69
CA ILE A 124 -14.72 -5.56 31.22
C ILE A 124 -15.47 -6.45 30.23
N ALA A 125 -14.72 -7.21 29.43
CA ALA A 125 -15.32 -8.19 28.52
C ALA A 125 -16.11 -9.24 29.31
N GLU A 126 -15.52 -9.72 30.40
CA GLU A 126 -16.16 -10.70 31.27
C GLU A 126 -17.42 -10.13 31.93
N LYS A 127 -17.33 -8.88 32.37
CA LYS A 127 -18.47 -8.17 32.96
C LYS A 127 -19.50 -7.71 31.91
N GLN A 128 -19.16 -7.86 30.63
CA GLN A 128 -20.11 -7.64 29.54
C GLN A 128 -20.55 -8.98 28.95
N ASN A 129 -20.16 -10.06 29.63
CA ASN A 129 -20.48 -11.44 29.24
C ASN A 129 -19.91 -11.86 27.88
N ILE A 130 -18.68 -11.45 27.60
CA ILE A 130 -18.00 -11.78 26.35
C ILE A 130 -16.75 -12.63 26.62
N ARG A 131 -16.68 -13.78 25.96
CA ARG A 131 -15.51 -14.66 26.03
C ARG A 131 -14.90 -14.76 24.64
N ILE A 132 -13.59 -14.49 24.54
CA ILE A 132 -12.86 -14.58 23.26
C ILE A 132 -12.10 -15.89 23.20
N GLU A 133 -12.22 -16.60 22.08
CA GLU A 133 -11.46 -17.83 21.87
C GLU A 133 -10.09 -17.47 21.25
N ILE A 134 -9.05 -17.51 22.08
CA ILE A 134 -7.72 -16.96 21.72
C ILE A 134 -7.15 -17.61 20.47
N ASP A 135 -7.11 -18.93 20.45
CA ASP A 135 -6.51 -19.67 19.32
C ASP A 135 -7.31 -19.58 18.04
N ALA A 136 -8.64 -19.46 18.17
CA ALA A 136 -9.51 -19.27 17.01
C ALA A 136 -9.16 -17.96 16.32
N LEU A 137 -9.04 -16.90 17.10
CA LEU A 137 -8.66 -15.60 16.55
C LEU A 137 -7.26 -15.62 15.93
N SER A 138 -6.29 -16.18 16.63
CA SER A 138 -4.91 -16.25 16.12
C SER A 138 -4.84 -17.00 14.80
N ALA A 139 -5.54 -18.12 14.73
CA ALA A 139 -5.58 -18.92 13.50
C ALA A 139 -6.08 -18.09 12.33
N ARG A 140 -7.12 -17.28 12.56
CA ARG A 140 -7.72 -16.52 11.48
C ARG A 140 -6.95 -15.25 11.13
N LEU A 141 -6.30 -14.65 12.11
CA LEU A 141 -5.47 -13.46 11.87
C LEU A 141 -4.10 -13.83 11.33
N GLY A 142 -3.60 -15.00 11.70
CA GLY A 142 -2.27 -15.43 11.29
C GLY A 142 -1.16 -14.73 12.07
N CYS A 143 -1.46 -14.29 13.28
CA CYS A 143 -0.45 -13.71 14.17
C CYS A 143 -0.76 -14.11 15.61
N PRO A 144 0.21 -13.95 16.52
CA PRO A 144 -0.07 -14.31 17.92
C PRO A 144 -1.15 -13.43 18.56
N VAL A 145 -1.90 -14.03 19.48
CA VAL A 145 -2.88 -13.33 20.28
C VAL A 145 -2.62 -13.64 21.74
N ILE A 146 -2.31 -12.61 22.52
CA ILE A 146 -1.85 -12.75 23.90
C ILE A 146 -2.85 -12.09 24.86
N PRO A 147 -3.50 -12.88 25.71
CA PRO A 147 -4.42 -12.26 26.66
C PRO A 147 -3.68 -11.49 27.74
N LEU A 148 -4.00 -10.22 27.89
CA LEU A 148 -3.31 -9.39 28.89
C LEU A 148 -3.94 -9.54 30.25
N VAL A 149 -3.66 -10.68 30.90
CA VAL A 149 -4.08 -10.91 32.26
C VAL A 149 -3.40 -9.91 33.19
N ALA A 150 -4.21 -9.17 33.95
CA ALA A 150 -3.70 -8.10 34.82
C ALA A 150 -3.02 -8.66 36.06
N THR A 151 -3.53 -9.76 36.59
CA THR A 151 -3.11 -10.31 37.86
C THR A 151 -1.61 -10.58 37.89
N ARG A 152 -0.91 -9.90 38.80
CA ARG A 152 0.55 -10.00 38.98
C ARG A 152 1.33 -9.80 37.67
N GLY A 153 0.78 -8.99 36.77
CA GLY A 153 1.44 -8.69 35.51
C GLY A 153 1.76 -9.90 34.65
N ARG A 154 0.92 -10.93 34.74
CA ARG A 154 1.13 -12.18 34.01
C ARG A 154 1.00 -11.96 32.50
N GLY A 155 0.08 -11.07 32.11
CA GLY A 155 -0.12 -10.73 30.69
C GLY A 155 1.12 -10.11 30.08
N ILE A 156 1.77 -9.23 30.83
CA ILE A 156 3.01 -8.59 30.39
C ILE A 156 4.09 -9.64 30.16
N GLU A 157 4.21 -10.59 31.08
CA GLU A 157 5.24 -11.62 30.95
C GLU A 157 4.98 -12.51 29.73
N ALA A 158 3.72 -12.83 29.47
CA ALA A 158 3.39 -13.60 28.28
C ALA A 158 3.64 -12.79 27.02
N LEU A 159 3.47 -11.48 27.10
CA LEU A 159 3.69 -10.61 25.96
C LEU A 159 5.18 -10.57 25.62
N LYS A 160 6.01 -10.45 26.64
CA LYS A 160 7.47 -10.50 26.46
C LYS A 160 7.93 -11.85 25.91
N LEU A 161 7.31 -12.92 26.40
CA LEU A 161 7.55 -14.25 25.86
C LEU A 161 7.26 -14.29 24.36
N ALA A 162 6.13 -13.73 23.95
CA ALA A 162 5.73 -13.76 22.55
C ALA A 162 6.68 -12.96 21.66
N ILE A 163 7.17 -11.84 22.18
CA ILE A 163 8.18 -11.04 21.49
C ILE A 163 9.44 -11.88 21.20
N ASP A 164 9.93 -12.60 22.20
CA ASP A 164 11.05 -13.53 22.02
C ASP A 164 10.75 -14.66 21.03
N ARG A 165 9.48 -15.04 20.90
CA ARG A 165 9.05 -16.09 19.97
C ARG A 165 8.75 -15.56 18.56
N TYR A 166 8.66 -14.24 18.39
CA TYR A 166 8.04 -13.68 17.18
C TYR A 166 8.75 -14.09 15.91
N LYS A 167 7.96 -14.51 14.93
CA LYS A 167 8.40 -14.74 13.57
C LYS A 167 7.44 -13.97 12.67
N ALA A 168 7.57 -14.12 11.36
CA ALA A 168 6.62 -13.52 10.42
C ALA A 168 5.19 -13.96 10.71
N ASN A 169 4.24 -13.13 10.30
CA ASN A 169 2.84 -13.52 10.37
C ASN A 169 2.62 -14.70 9.44
N GLU A 170 1.64 -15.52 9.75
CA GLU A 170 1.26 -16.63 8.87
C GLU A 170 0.59 -16.05 7.63
N ASN A 171 1.00 -16.56 6.46
CA ASN A 171 0.48 -16.13 5.17
C ASN A 171 -0.89 -16.75 4.92
N VAL A 172 -1.93 -16.11 5.48
CA VAL A 172 -3.29 -16.63 5.46
C VAL A 172 -4.16 -15.65 4.67
N GLU A 173 -5.19 -16.16 4.00
CA GLU A 173 -6.13 -15.25 3.33
C GLU A 173 -7.02 -14.61 4.39
N LEU A 174 -7.06 -13.29 4.41
CA LEU A 174 -7.85 -12.55 5.39
C LEU A 174 -9.21 -12.20 4.79
N VAL A 175 -9.23 -11.27 3.83
CA VAL A 175 -10.44 -10.86 3.16
C VAL A 175 -10.53 -11.60 1.84
N HIS A 176 -11.74 -11.96 1.45
CA HIS A 176 -11.96 -12.62 0.16
C HIS A 176 -12.56 -11.64 -0.83
N TYR A 177 -11.70 -10.97 -1.59
CA TYR A 177 -12.13 -9.98 -2.58
C TYR A 177 -12.53 -10.66 -3.89
N ALA A 178 -13.47 -10.05 -4.60
CA ALA A 178 -13.81 -10.49 -5.95
C ALA A 178 -12.56 -10.41 -6.82
N GLN A 179 -12.44 -11.37 -7.75
CA GLN A 179 -11.26 -11.51 -8.58
C GLN A 179 -10.94 -10.27 -9.42
N PRO A 180 -11.96 -9.62 -10.01
CA PRO A 180 -11.65 -8.38 -10.76
C PRO A 180 -11.00 -7.29 -9.89
N LEU A 181 -11.38 -7.21 -8.62
CA LEU A 181 -10.74 -6.27 -7.69
C LEU A 181 -9.25 -6.56 -7.50
N LEU A 182 -8.93 -7.83 -7.25
CA LEU A 182 -7.52 -8.23 -7.06
C LEU A 182 -6.71 -7.91 -8.31
N ASN A 183 -7.24 -8.32 -9.47
CA ASN A 183 -6.60 -8.03 -10.75
C ASN A 183 -6.31 -6.54 -10.95
N GLU A 184 -7.30 -5.69 -10.73
CA GLU A 184 -7.12 -4.26 -10.93
C GLU A 184 -6.14 -3.68 -9.91
N ALA A 185 -6.27 -4.09 -8.65
CA ALA A 185 -5.35 -3.66 -7.60
C ALA A 185 -3.89 -4.05 -7.89
N ASP A 186 -3.69 -5.29 -8.35
CA ASP A 186 -2.36 -5.76 -8.72
C ASP A 186 -1.78 -4.98 -9.91
N SER A 187 -2.57 -4.71 -10.93
CA SER A 187 -2.09 -3.94 -12.09
C SER A 187 -1.79 -2.48 -11.71
N LEU A 188 -2.55 -1.90 -10.78
CA LEU A 188 -2.19 -0.60 -10.20
C LEU A 188 -0.90 -0.72 -9.39
N ALA A 189 -0.78 -1.79 -8.61
CA ALA A 189 0.41 -2.02 -7.81
C ALA A 189 1.69 -2.06 -8.66
N LYS A 190 1.61 -2.68 -9.83
CA LYS A 190 2.76 -2.81 -10.74
C LYS A 190 3.39 -1.48 -11.16
N VAL A 191 2.61 -0.39 -11.05
CA VAL A 191 3.06 0.92 -11.50
C VAL A 191 3.46 1.84 -10.33
N MET A 192 3.22 1.40 -9.10
CA MET A 192 3.57 2.20 -7.92
C MET A 192 5.09 2.16 -7.67
N PRO A 193 5.62 3.16 -6.93
CA PRO A 193 7.05 3.15 -6.61
C PRO A 193 7.46 1.83 -5.98
N SER A 194 8.33 1.08 -6.66
CA SER A 194 8.68 -0.29 -6.25
C SER A 194 9.62 -0.37 -5.02
N ASP A 195 9.91 0.77 -4.39
CA ASP A 195 10.54 0.79 -3.07
C ASP A 195 9.58 0.24 -1.99
N ILE A 196 8.29 0.21 -2.31
CA ILE A 196 7.27 -0.36 -1.44
C ILE A 196 7.12 -1.85 -1.75
N PRO A 197 7.04 -2.70 -0.71
CA PRO A 197 6.82 -4.14 -0.92
C PRO A 197 5.53 -4.45 -1.69
N LEU A 198 5.53 -5.55 -2.46
CA LEU A 198 4.40 -5.94 -3.29
C LEU A 198 3.08 -6.00 -2.51
N LYS A 199 3.15 -6.51 -1.28
CA LYS A 199 1.98 -6.69 -0.45
C LYS A 199 1.30 -5.37 -0.07
N GLN A 200 2.13 -4.37 0.23
CA GLN A 200 1.65 -3.03 0.59
C GLN A 200 1.15 -2.28 -0.64
N ARG A 201 1.82 -2.47 -1.77
CA ARG A 201 1.39 -1.85 -3.03
C ARG A 201 0.06 -2.40 -3.50
N ARG A 202 -0.19 -3.69 -3.25
CA ARG A 202 -1.47 -4.30 -3.58
C ARG A 202 -2.59 -3.79 -2.65
N TRP A 203 -2.26 -3.57 -1.38
CA TRP A 203 -3.18 -2.97 -0.42
C TRP A 203 -3.51 -1.52 -0.79
N LEU A 204 -2.47 -0.70 -1.00
CA LEU A 204 -2.67 0.66 -1.53
C LEU A 204 -3.60 0.64 -2.76
N GLY A 205 -3.41 -0.34 -3.63
CA GLY A 205 -4.26 -0.53 -4.80
C GLY A 205 -5.73 -0.65 -4.42
N LEU A 206 -6.04 -1.57 -3.50
CA LEU A 206 -7.39 -1.73 -2.97
C LEU A 206 -7.93 -0.42 -2.38
N GLN A 207 -7.10 0.26 -1.59
CA GLN A 207 -7.50 1.53 -0.97
C GLN A 207 -7.86 2.59 -2.02
N MET A 208 -7.08 2.65 -3.09
CA MET A 208 -7.39 3.56 -4.19
C MET A 208 -8.74 3.23 -4.80
N LEU A 209 -8.98 1.95 -5.05
CA LEU A 209 -10.26 1.50 -5.61
C LEU A 209 -11.45 1.78 -4.68
N GLU A 210 -11.19 1.76 -3.37
CA GLU A 210 -12.22 2.01 -2.36
C GLU A 210 -12.51 3.50 -2.14
N GLY A 211 -11.75 4.37 -2.80
CA GLY A 211 -11.94 5.81 -2.71
C GLY A 211 -11.07 6.51 -1.67
N ASP A 212 -10.03 5.84 -1.19
CA ASP A 212 -9.11 6.42 -0.22
C ASP A 212 -8.26 7.51 -0.89
N ILE A 213 -8.57 8.76 -0.57
CA ILE A 213 -7.87 9.92 -1.13
C ILE A 213 -6.40 9.99 -0.72
N TYR A 214 -6.14 9.63 0.53
CA TYR A 214 -4.80 9.81 1.11
C TYR A 214 -3.80 8.76 0.61
N SER A 215 -4.32 7.60 0.20
CA SER A 215 -3.48 6.54 -0.37
C SER A 215 -2.81 6.99 -1.67
N ARG A 216 -3.45 7.91 -2.40
CA ARG A 216 -2.92 8.40 -3.68
C ARG A 216 -1.57 9.10 -3.50
N ALA A 217 -1.33 9.67 -2.32
CA ALA A 217 -0.04 10.27 -1.98
C ALA A 217 1.11 9.25 -2.07
N TYR A 218 0.84 8.01 -1.68
CA TYR A 218 1.85 6.96 -1.68
C TYR A 218 1.98 6.23 -3.01
N ALA A 219 0.98 6.36 -3.89
CA ALA A 219 0.87 5.49 -5.07
C ALA A 219 1.60 6.01 -6.32
N GLY A 220 2.08 7.25 -6.27
CA GLY A 220 2.78 7.84 -7.41
C GLY A 220 2.03 7.75 -8.73
N GLU A 221 2.61 7.03 -9.69
CA GLU A 221 2.10 7.01 -11.06
C GLU A 221 0.84 6.13 -11.23
N ALA A 222 0.50 5.34 -10.22
CA ALA A 222 -0.71 4.52 -10.25
C ALA A 222 -1.99 5.36 -10.36
N SER A 223 -1.95 6.56 -9.79
CA SER A 223 -3.11 7.46 -9.79
C SER A 223 -3.56 7.85 -11.21
N GLN A 224 -2.62 7.86 -12.16
CA GLN A 224 -2.94 8.17 -13.55
C GLN A 224 -3.79 7.06 -14.20
N HIS A 225 -3.80 5.87 -13.61
CA HIS A 225 -4.55 4.73 -14.16
C HIS A 225 -5.81 4.38 -13.38
N LEU A 226 -6.13 5.14 -12.33
CA LEU A 226 -7.27 4.81 -11.48
C LEU A 226 -8.60 4.88 -12.21
N ASP A 227 -8.80 5.93 -12.99
CA ASP A 227 -10.06 6.13 -13.73
C ASP A 227 -10.41 4.94 -14.60
N ALA A 228 -9.45 4.47 -15.38
CA ALA A 228 -9.67 3.36 -16.31
C ALA A 228 -9.98 2.04 -15.59
N ALA A 229 -9.32 1.83 -14.45
CA ALA A 229 -9.58 0.67 -13.60
C ALA A 229 -11.01 0.70 -13.05
N LEU A 230 -11.45 1.87 -12.59
CA LEU A 230 -12.79 2.02 -12.02
C LEU A 230 -13.90 1.80 -13.06
N ALA A 231 -13.71 2.35 -14.25
CA ALA A 231 -14.70 2.19 -15.33
C ALA A 231 -14.88 0.71 -15.69
N ARG A 232 -13.77 0.01 -15.84
CA ARG A 232 -13.81 -1.44 -16.08
C ARG A 232 -14.62 -2.16 -15.01
N LEU A 233 -14.24 -1.91 -13.76
CA LEU A 233 -14.90 -2.56 -12.63
C LEU A 233 -16.38 -2.25 -12.57
N ARG A 234 -16.74 -1.02 -12.92
CA ARG A 234 -18.14 -0.61 -12.90
C ARG A 234 -18.98 -1.29 -14.00
N ASN A 235 -18.32 -1.89 -14.99
CA ASN A 235 -19.01 -2.68 -16.01
C ASN A 235 -19.20 -4.14 -15.63
N GLU A 236 -18.59 -4.59 -14.54
CA GLU A 236 -18.75 -5.97 -14.08
C GLU A 236 -19.28 -6.11 -12.65
N MET A 237 -19.40 -4.99 -11.92
CA MET A 237 -20.04 -4.98 -10.60
C MET A 237 -20.61 -3.58 -10.33
N ASP A 238 -21.56 -3.48 -9.40
CA ASP A 238 -22.28 -2.20 -9.17
C ASP A 238 -21.38 -1.05 -8.68
N ASP A 239 -20.55 -1.31 -7.69
CA ASP A 239 -19.77 -0.28 -7.01
C ASP A 239 -18.57 -0.96 -6.37
N PRO A 240 -17.38 -0.87 -7.01
CA PRO A 240 -16.22 -1.57 -6.48
C PRO A 240 -15.84 -1.21 -5.04
N ALA A 241 -15.97 0.06 -4.69
CA ALA A 241 -15.63 0.52 -3.34
C ALA A 241 -16.49 -0.20 -2.29
N LEU A 242 -17.76 -0.38 -2.62
CA LEU A 242 -18.70 -1.07 -1.74
C LEU A 242 -18.36 -2.56 -1.60
N HIS A 243 -18.00 -3.21 -2.70
CA HIS A 243 -17.57 -4.62 -2.67
C HIS A 243 -16.32 -4.81 -1.79
N ILE A 244 -15.42 -3.82 -1.80
CA ILE A 244 -14.23 -3.83 -0.93
C ILE A 244 -14.64 -3.72 0.54
N ALA A 245 -15.39 -2.68 0.87
CA ALA A 245 -15.88 -2.46 2.23
C ALA A 245 -16.69 -3.64 2.78
N ASP A 246 -17.56 -4.19 1.93
CA ASP A 246 -18.42 -5.32 2.32
C ASP A 246 -17.63 -6.61 2.55
N ALA A 247 -16.66 -6.90 1.69
CA ALA A 247 -15.78 -8.05 1.89
C ALA A 247 -15.04 -7.92 3.21
N ARG A 248 -14.54 -6.72 3.49
CA ARG A 248 -13.85 -6.46 4.76
C ARG A 248 -14.78 -6.64 5.97
N TYR A 249 -16.01 -6.17 5.83
CA TYR A 249 -17.03 -6.38 6.87
C TYR A 249 -17.35 -7.87 7.05
N GLN A 250 -17.53 -8.59 5.93
CA GLN A 250 -17.73 -10.04 5.97
C GLN A 250 -16.60 -10.75 6.75
N CYS A 251 -15.36 -10.41 6.41
CA CYS A 251 -14.18 -11.02 7.05
C CYS A 251 -14.25 -10.86 8.58
N ILE A 252 -14.36 -9.61 9.03
CA ILE A 252 -14.37 -9.28 10.46
C ILE A 252 -15.60 -9.85 11.18
N ALA A 253 -16.77 -9.74 10.54
CA ALA A 253 -17.98 -10.35 11.08
C ALA A 253 -17.85 -11.87 11.21
N ALA A 254 -17.27 -12.52 10.21
CA ALA A 254 -17.07 -13.98 10.26
C ALA A 254 -16.15 -14.40 11.40
N ILE A 255 -15.06 -13.66 11.59
CA ILE A 255 -14.15 -13.90 12.70
C ILE A 255 -14.86 -13.76 14.05
N CYS A 256 -15.56 -12.65 14.24
CA CYS A 256 -16.24 -12.36 15.51
C CYS A 256 -17.30 -13.38 15.89
N ASP A 257 -18.06 -13.86 14.91
CA ASP A 257 -19.07 -14.90 15.15
C ASP A 257 -18.44 -16.18 15.74
N VAL A 258 -17.32 -16.61 15.16
CA VAL A 258 -16.61 -17.80 15.65
C VAL A 258 -15.92 -17.55 16.99
N VAL A 259 -15.29 -16.38 17.09
CA VAL A 259 -14.31 -16.12 18.14
C VAL A 259 -14.92 -15.59 19.44
N SER A 260 -16.07 -14.93 19.34
CA SER A 260 -16.70 -14.29 20.50
C SER A 260 -17.92 -15.07 20.97
N MET B 1 -28.09 -6.37 -14.76
CA MET B 1 -26.74 -6.20 -14.14
C MET B 1 -26.44 -4.72 -13.88
N LYS B 2 -25.85 -4.01 -14.85
CA LYS B 2 -25.47 -2.62 -14.60
C LYS B 2 -26.69 -1.70 -14.51
N LYS B 3 -26.73 -0.87 -13.48
CA LYS B 3 -27.88 -0.01 -13.22
C LYS B 3 -27.50 1.46 -13.36
N LEU B 4 -28.53 2.30 -13.43
CA LEU B 4 -28.35 3.75 -13.39
C LEU B 4 -28.25 4.16 -11.93
N THR B 5 -27.13 4.77 -11.56
CA THR B 5 -26.88 5.15 -10.17
C THR B 5 -27.21 6.62 -9.94
N ILE B 6 -28.12 6.88 -8.99
CA ILE B 6 -28.52 8.24 -8.64
C ILE B 6 -28.23 8.54 -7.18
N GLY B 7 -27.61 9.69 -6.93
CA GLY B 7 -27.40 10.19 -5.57
C GLY B 7 -28.53 11.12 -5.19
N LEU B 8 -29.07 10.94 -3.97
CA LEU B 8 -30.16 11.77 -3.47
C LEU B 8 -29.63 12.69 -2.39
N ILE B 9 -29.63 13.99 -2.67
CA ILE B 9 -28.98 14.96 -1.79
C ILE B 9 -29.83 16.20 -1.56
N GLY B 10 -29.66 16.80 -0.37
CA GLY B 10 -30.41 17.98 0.01
C GLY B 10 -30.05 18.44 1.40
N ASN B 11 -30.56 19.61 1.76
CA ASN B 11 -30.42 20.13 3.12
C ASN B 11 -31.18 19.24 4.11
N PRO B 12 -30.84 19.34 5.41
CA PRO B 12 -31.61 18.60 6.42
C PRO B 12 -33.08 19.01 6.41
N ASN B 13 -33.97 18.05 6.66
CA ASN B 13 -35.40 18.31 6.74
C ASN B 13 -35.99 18.96 5.48
N SER B 14 -35.65 18.41 4.32
CA SER B 14 -36.20 18.83 3.03
C SER B 14 -37.13 17.76 2.44
N GLY B 15 -37.48 16.75 3.25
CA GLY B 15 -38.36 15.67 2.80
C GLY B 15 -37.64 14.59 2.00
N LYS B 16 -36.33 14.45 2.26
CA LYS B 16 -35.47 13.56 1.49
C LYS B 16 -35.74 12.10 1.77
N THR B 17 -35.88 11.76 3.05
CA THR B 17 -36.17 10.39 3.46
C THR B 17 -37.53 9.96 2.97
N THR B 18 -38.49 10.89 3.02
CA THR B 18 -39.84 10.64 2.55
C THR B 18 -39.83 10.34 1.06
N LEU B 19 -39.17 11.19 0.28
CA LEU B 19 -39.01 10.95 -1.16
C LEU B 19 -38.30 9.62 -1.43
N PHE B 20 -37.21 9.37 -0.70
CA PHE B 20 -36.47 8.11 -0.81
C PHE B 20 -37.39 6.91 -0.61
N ASN B 21 -38.21 6.94 0.43
CA ASN B 21 -39.10 5.83 0.77
C ASN B 21 -40.19 5.63 -0.28
N GLN B 22 -40.76 6.74 -0.74
CA GLN B 22 -41.80 6.68 -1.78
C GLN B 22 -41.27 6.10 -3.10
N LEU B 23 -40.00 6.37 -3.41
CA LEU B 23 -39.40 5.86 -4.64
C LEU B 23 -39.03 4.37 -4.53
N THR B 24 -38.42 3.98 -3.42
CA THR B 24 -37.84 2.65 -3.28
C THR B 24 -38.75 1.65 -2.59
N GLY B 25 -39.71 2.14 -1.82
CA GLY B 25 -40.64 1.25 -1.09
C GLY B 25 -39.91 0.36 -0.12
N SER B 26 -40.15 -0.94 -0.21
CA SER B 26 -39.45 -1.92 0.63
C SER B 26 -38.09 -2.33 0.05
N ARG B 27 -37.79 -1.92 -1.19
CA ARG B 27 -36.55 -2.34 -1.86
C ARG B 27 -35.38 -1.48 -1.40
N GLN B 28 -35.03 -1.58 -0.12
CA GLN B 28 -33.97 -0.79 0.48
C GLN B 28 -32.96 -1.68 1.18
N ARG B 29 -31.73 -1.17 1.31
CA ARG B 29 -30.67 -1.84 2.05
C ARG B 29 -30.03 -0.80 2.97
N VAL B 30 -29.66 -1.21 4.18
CA VAL B 30 -29.05 -0.32 5.15
C VAL B 30 -27.69 -0.85 5.58
N GLY B 31 -26.73 0.07 5.73
CA GLY B 31 -25.39 -0.25 6.15
C GLY B 31 -24.75 1.02 6.65
N ASN B 32 -23.43 1.11 6.54
CA ASN B 32 -22.71 2.31 6.93
C ASN B 32 -21.74 2.74 5.85
N TRP B 33 -21.40 4.03 5.83
CA TRP B 33 -20.39 4.53 4.92
C TRP B 33 -19.04 3.97 5.37
N ALA B 34 -18.18 3.68 4.41
CA ALA B 34 -16.90 3.04 4.68
C ALA B 34 -16.08 3.83 5.72
N GLY B 35 -15.69 3.13 6.79
CA GLY B 35 -14.78 3.68 7.79
C GLY B 35 -15.42 4.49 8.90
N VAL B 36 -16.74 4.60 8.89
CA VAL B 36 -17.47 5.36 9.90
C VAL B 36 -18.79 4.68 10.21
N THR B 37 -19.39 5.05 11.33
CA THR B 37 -20.67 4.47 11.75
C THR B 37 -21.87 5.30 11.30
N VAL B 38 -21.65 6.17 10.31
CA VAL B 38 -22.73 6.93 9.69
C VAL B 38 -23.49 6.01 8.73
N GLU B 39 -24.82 5.99 8.89
CA GLU B 39 -25.70 5.11 8.11
C GLU B 39 -25.67 5.44 6.62
N ARG B 40 -25.62 4.39 5.81
CA ARG B 40 -25.69 4.51 4.36
C ARG B 40 -26.91 3.74 3.89
N LYS B 41 -27.80 4.41 3.18
CA LYS B 41 -29.06 3.83 2.74
C LYS B 41 -29.15 3.82 1.21
N GLU B 42 -29.50 2.67 0.66
CA GLU B 42 -29.49 2.41 -0.78
C GLU B 42 -30.77 1.69 -1.14
N GLY B 43 -31.30 1.94 -2.33
CA GLY B 43 -32.54 1.30 -2.76
C GLY B 43 -32.72 1.21 -4.26
N GLN B 44 -33.75 0.49 -4.69
CA GLN B 44 -34.00 0.22 -6.11
C GLN B 44 -35.35 0.75 -6.52
N PHE B 45 -35.44 1.21 -7.76
CA PHE B 45 -36.73 1.44 -8.41
C PHE B 45 -36.52 1.45 -9.92
N SER B 46 -37.60 1.55 -10.68
CA SER B 46 -37.50 1.56 -12.12
C SER B 46 -38.40 2.64 -12.74
N THR B 47 -37.93 3.15 -13.87
CA THR B 47 -38.69 4.07 -14.69
C THR B 47 -39.09 3.30 -15.93
N THR B 48 -39.71 3.98 -16.89
CA THR B 48 -40.04 3.36 -18.16
C THR B 48 -38.82 2.65 -18.78
N ASP B 49 -37.68 3.34 -18.79
CA ASP B 49 -36.49 2.85 -19.47
C ASP B 49 -35.41 2.24 -18.57
N HIS B 50 -35.34 2.68 -17.30
CA HIS B 50 -34.17 2.40 -16.48
C HIS B 50 -34.46 1.62 -15.21
N GLN B 51 -33.47 0.83 -14.81
CA GLN B 51 -33.39 0.25 -13.46
C GLN B 51 -32.43 1.14 -12.68
N VAL B 52 -32.90 1.65 -11.55
CA VAL B 52 -32.11 2.64 -10.80
C VAL B 52 -31.67 2.10 -9.44
N THR B 53 -30.42 2.38 -9.09
CA THR B 53 -29.93 2.29 -7.71
C THR B 53 -29.91 3.72 -7.18
N LEU B 54 -30.66 3.97 -6.11
CA LEU B 54 -30.75 5.28 -5.48
C LEU B 54 -29.99 5.28 -4.17
N VAL B 55 -28.95 6.11 -4.09
CA VAL B 55 -28.10 6.21 -2.90
C VAL B 55 -28.43 7.50 -2.15
N ASP B 56 -28.92 7.34 -0.92
CA ASP B 56 -29.30 8.46 -0.08
C ASP B 56 -28.06 9.05 0.56
N LEU B 57 -27.85 10.36 0.41
CA LEU B 57 -26.68 11.01 1.00
C LEU B 57 -27.07 11.79 2.24
N PRO B 58 -26.14 11.94 3.20
CA PRO B 58 -26.48 12.68 4.43
C PRO B 58 -26.87 14.13 4.16
N GLY B 59 -27.87 14.61 4.91
CA GLY B 59 -28.37 15.96 4.75
C GLY B 59 -27.27 16.95 4.99
N THR B 60 -27.15 17.94 4.11
CA THR B 60 -26.06 18.90 4.21
C THR B 60 -26.42 20.24 3.56
N TYR B 61 -25.91 21.30 4.17
CA TYR B 61 -26.11 22.65 3.66
C TYR B 61 -25.08 22.96 2.59
N SER B 62 -23.91 22.32 2.69
CA SER B 62 -22.77 22.64 1.87
C SER B 62 -21.85 21.43 1.72
N LEU B 63 -21.02 21.45 0.68
CA LEU B 63 -19.95 20.47 0.49
C LEU B 63 -18.60 21.00 0.97
N THR B 64 -18.60 22.17 1.61
CA THR B 64 -17.36 22.84 2.01
C THR B 64 -16.98 22.45 3.43
N SER B 71 -18.19 19.31 9.73
CA SER B 71 -19.32 18.39 9.62
C SER B 71 -18.96 17.13 8.83
N LEU B 72 -19.17 15.97 9.45
CA LEU B 72 -18.88 14.68 8.84
C LEU B 72 -19.79 14.43 7.63
N ASP B 73 -21.08 14.74 7.81
CA ASP B 73 -22.09 14.55 6.76
C ASP B 73 -21.74 15.26 5.46
N GLU B 74 -21.27 16.50 5.56
CA GLU B 74 -20.85 17.27 4.40
C GLU B 74 -19.67 16.61 3.68
N GLN B 75 -18.73 16.09 4.47
CA GLN B 75 -17.54 15.44 3.91
C GLN B 75 -17.90 14.13 3.21
N ILE B 76 -18.75 13.33 3.85
CA ILE B 76 -19.28 12.08 3.25
C ILE B 76 -19.94 12.38 1.90
N ALA B 77 -20.83 13.37 1.88
CA ALA B 77 -21.50 13.77 0.66
C ALA B 77 -20.48 14.25 -0.38
N CYS B 78 -19.57 15.12 0.04
CA CYS B 78 -18.57 15.66 -0.89
C CYS B 78 -17.74 14.53 -1.49
N HIS B 79 -17.27 13.63 -0.62
CA HIS B 79 -16.49 12.49 -1.08
C HIS B 79 -17.26 11.64 -2.10
N TYR B 80 -18.52 11.34 -1.82
CA TYR B 80 -19.31 10.56 -2.77
C TYR B 80 -19.46 11.27 -4.13
N ILE B 81 -19.76 12.57 -4.09
CA ILE B 81 -20.01 13.35 -5.31
C ILE B 81 -18.78 13.35 -6.20
N LEU B 82 -17.60 13.53 -5.60
CA LEU B 82 -16.34 13.52 -6.34
C LEU B 82 -15.87 12.14 -6.79
N SER B 83 -16.49 11.06 -6.28
CA SER B 83 -16.01 9.70 -6.55
C SER B 83 -16.34 9.21 -7.95
N GLY B 84 -17.40 9.77 -8.54
CA GLY B 84 -17.85 9.38 -9.86
C GLY B 84 -18.75 8.14 -9.85
N ASP B 85 -19.27 7.77 -8.69
CA ASP B 85 -20.15 6.61 -8.57
C ASP B 85 -21.51 6.88 -9.24
N ALA B 86 -22.09 8.03 -8.94
CA ALA B 86 -23.42 8.36 -9.45
C ALA B 86 -23.36 8.90 -10.87
N ASP B 87 -24.31 8.46 -11.69
CA ASP B 87 -24.47 8.99 -13.04
C ASP B 87 -25.14 10.35 -13.02
N LEU B 88 -25.99 10.57 -12.01
CA LEU B 88 -26.64 11.84 -11.83
C LEU B 88 -27.12 11.98 -10.39
N LEU B 89 -27.50 13.19 -10.01
CA LEU B 89 -28.05 13.46 -8.68
C LEU B 89 -29.48 13.99 -8.79
N ILE B 90 -30.30 13.65 -7.80
CA ILE B 90 -31.54 14.35 -7.55
C ILE B 90 -31.34 15.23 -6.32
N ASN B 91 -31.40 16.53 -6.53
CA ASN B 91 -31.22 17.53 -5.49
C ASN B 91 -32.60 17.94 -4.97
N VAL B 92 -32.97 17.47 -3.78
CA VAL B 92 -34.24 17.83 -3.16
C VAL B 92 -34.10 19.20 -2.49
N VAL B 93 -34.93 20.14 -2.93
CA VAL B 93 -34.87 21.53 -2.52
C VAL B 93 -36.15 21.92 -1.81
N ASP B 94 -36.02 22.57 -0.67
CA ASP B 94 -37.16 23.02 0.13
C ASP B 94 -37.59 24.39 -0.40
N ALA B 95 -38.74 24.42 -1.08
CA ALA B 95 -39.24 25.62 -1.73
C ALA B 95 -39.61 26.75 -0.76
N SER B 96 -39.82 26.40 0.52
CA SER B 96 -40.10 27.40 1.55
C SER B 96 -38.84 28.08 2.09
N ASN B 97 -37.67 27.51 1.80
CA ASN B 97 -36.39 28.11 2.20
C ASN B 97 -35.41 28.08 1.02
N LEU B 98 -35.88 28.58 -0.12
CA LEU B 98 -35.17 28.40 -1.41
C LEU B 98 -33.78 29.02 -1.44
N GLU B 99 -33.68 30.28 -1.03
CA GLU B 99 -32.40 30.98 -1.11
C GLU B 99 -31.29 30.22 -0.39
N ARG B 100 -31.58 29.78 0.83
CA ARG B 100 -30.63 29.00 1.62
C ARG B 100 -30.31 27.63 0.99
N ASN B 101 -31.34 26.98 0.44
CA ASN B 101 -31.19 25.64 -0.13
C ASN B 101 -30.37 25.64 -1.42
N LEU B 102 -30.41 26.73 -2.17
CA LEU B 102 -29.72 26.81 -3.45
C LEU B 102 -28.20 26.90 -3.35
N TYR B 103 -27.66 27.16 -2.15
CA TYR B 103 -26.22 27.15 -1.94
C TYR B 103 -25.63 25.78 -2.28
N LEU B 104 -26.22 24.71 -1.75
CA LEU B 104 -25.80 23.36 -2.11
C LEU B 104 -25.96 23.12 -3.60
N THR B 105 -27.15 23.43 -4.13
CA THR B 105 -27.46 23.27 -5.56
C THR B 105 -26.35 23.87 -6.43
N LEU B 106 -25.94 25.08 -6.09
CA LEU B 106 -24.94 25.81 -6.84
C LEU B 106 -23.58 25.08 -6.86
N GLN B 107 -23.19 24.52 -5.72
CA GLN B 107 -21.97 23.74 -5.63
C GLN B 107 -22.03 22.53 -6.54
N LEU B 108 -23.17 21.84 -6.53
CA LEU B 108 -23.35 20.67 -7.39
C LEU B 108 -23.20 21.04 -8.88
N LEU B 109 -23.79 22.16 -9.27
CA LEU B 109 -23.78 22.59 -10.66
C LEU B 109 -22.41 23.13 -11.08
N GLU B 110 -21.69 23.72 -10.14
CA GLU B 110 -20.31 24.13 -10.41
C GLU B 110 -19.41 22.91 -10.67
N LEU B 111 -19.65 21.82 -9.94
CA LEU B 111 -18.92 20.56 -10.19
C LEU B 111 -19.27 19.92 -11.52
N GLY B 112 -20.40 20.30 -12.12
CA GLY B 112 -20.79 19.81 -13.44
C GLY B 112 -21.48 18.45 -13.41
N ILE B 113 -21.85 17.99 -12.21
CA ILE B 113 -22.48 16.70 -12.04
C ILE B 113 -23.91 16.82 -12.59
N PRO B 114 -24.34 15.89 -13.46
CA PRO B 114 -25.72 15.98 -13.96
C PRO B 114 -26.73 16.00 -12.81
N CYS B 115 -27.65 16.96 -12.86
CA CYS B 115 -28.55 17.22 -11.75
CA CYS B 115 -28.56 17.23 -11.75
C CYS B 115 -30.00 17.37 -12.21
N ILE B 116 -30.92 16.90 -11.37
CA ILE B 116 -32.33 17.15 -11.50
C ILE B 116 -32.75 17.73 -10.16
N VAL B 117 -33.37 18.90 -10.16
CA VAL B 117 -33.84 19.52 -8.93
C VAL B 117 -35.28 19.08 -8.68
N ALA B 118 -35.50 18.43 -7.53
CA ALA B 118 -36.85 18.07 -7.10
C ALA B 118 -37.31 19.11 -6.09
N LEU B 119 -38.18 20.02 -6.52
CA LEU B 119 -38.65 21.13 -5.69
C LEU B 119 -39.76 20.66 -4.76
N ASN B 120 -39.50 20.72 -3.45
CA ASN B 120 -40.35 20.13 -2.43
C ASN B 120 -40.91 21.19 -1.49
N MET B 121 -41.79 20.76 -0.58
CA MET B 121 -42.49 21.63 0.37
C MET B 121 -43.28 22.72 -0.36
N LEU B 122 -43.97 22.35 -1.43
CA LEU B 122 -44.76 23.30 -2.22
C LEU B 122 -45.91 23.84 -1.39
N ASP B 123 -46.66 22.91 -0.79
CA ASP B 123 -47.74 23.24 0.15
C ASP B 123 -47.28 24.28 1.17
N ILE B 124 -46.15 24.03 1.82
CA ILE B 124 -45.63 24.91 2.85
C ILE B 124 -45.25 26.28 2.28
N ALA B 125 -44.70 26.29 1.07
CA ALA B 125 -44.37 27.54 0.39
C ALA B 125 -45.64 28.32 0.06
N GLU B 126 -46.65 27.60 -0.43
CA GLU B 126 -47.93 28.21 -0.80
C GLU B 126 -48.65 28.82 0.40
N LYS B 127 -48.61 28.12 1.54
CA LYS B 127 -49.20 28.63 2.79
C LYS B 127 -48.47 29.89 3.28
N GLN B 128 -47.17 29.98 2.99
CA GLN B 128 -46.38 31.17 3.33
C GLN B 128 -46.40 32.22 2.23
N ASN B 129 -47.32 32.06 1.27
CA ASN B 129 -47.52 33.01 0.17
C ASN B 129 -46.27 33.21 -0.70
N ILE B 130 -45.56 32.10 -0.95
CA ILE B 130 -44.42 32.08 -1.87
C ILE B 130 -44.81 31.29 -3.12
N ARG B 131 -44.60 31.90 -4.28
CA ARG B 131 -44.80 31.24 -5.57
C ARG B 131 -43.45 31.13 -6.27
N ILE B 132 -43.14 29.93 -6.75
CA ILE B 132 -41.88 29.66 -7.42
C ILE B 132 -42.12 29.56 -8.92
N GLU B 133 -41.49 30.45 -9.69
CA GLU B 133 -41.49 30.34 -11.15
C GLU B 133 -40.52 29.23 -11.56
N ILE B 134 -41.07 28.07 -11.89
CA ILE B 134 -40.28 26.87 -12.13
C ILE B 134 -39.26 27.06 -13.26
N ASP B 135 -39.72 27.51 -14.42
CA ASP B 135 -38.86 27.65 -15.61
C ASP B 135 -37.84 28.76 -15.50
N ALA B 136 -38.16 29.82 -14.78
CA ALA B 136 -37.19 30.88 -14.55
C ALA B 136 -35.99 30.31 -13.80
N LEU B 137 -36.27 29.47 -12.79
CA LEU B 137 -35.21 28.79 -12.03
C LEU B 137 -34.44 27.78 -12.90
N SER B 138 -35.16 26.94 -13.62
CA SER B 138 -34.53 25.93 -14.49
C SER B 138 -33.58 26.58 -15.50
N ALA B 139 -34.02 27.68 -16.11
CA ALA B 139 -33.21 28.41 -17.08
C ALA B 139 -31.93 28.98 -16.48
N ARG B 140 -32.00 29.41 -15.22
CA ARG B 140 -30.85 30.00 -14.54
C ARG B 140 -29.89 28.97 -13.93
N LEU B 141 -30.41 27.79 -13.61
CA LEU B 141 -29.58 26.72 -13.07
C LEU B 141 -28.93 25.88 -14.18
N GLY B 142 -29.61 25.77 -15.32
CA GLY B 142 -29.15 24.93 -16.41
C GLY B 142 -29.51 23.47 -16.21
N CYS B 143 -30.48 23.20 -15.33
CA CYS B 143 -30.90 21.83 -15.06
C CYS B 143 -32.41 21.79 -14.83
N PRO B 144 -33.01 20.59 -14.99
CA PRO B 144 -34.45 20.49 -14.80
C PRO B 144 -34.91 20.76 -13.37
N VAL B 145 -36.08 21.37 -13.25
CA VAL B 145 -36.69 21.64 -11.95
C VAL B 145 -38.08 21.02 -11.96
N ILE B 146 -38.28 20.01 -11.12
CA ILE B 146 -39.52 19.26 -11.08
C ILE B 146 -40.26 19.58 -9.78
N PRO B 147 -41.49 20.14 -9.87
CA PRO B 147 -42.26 20.34 -8.65
C PRO B 147 -42.84 19.03 -8.12
N LEU B 148 -42.52 18.69 -6.88
CA LEU B 148 -43.01 17.43 -6.29
C LEU B 148 -44.42 17.60 -5.74
N VAL B 149 -45.39 17.51 -6.65
CA VAL B 149 -46.81 17.50 -6.29
C VAL B 149 -47.17 16.12 -5.71
N ALA B 150 -47.76 16.13 -4.52
CA ALA B 150 -48.15 14.89 -3.84
C ALA B 150 -49.41 14.26 -4.43
N THR B 151 -50.30 15.09 -4.98
CA THR B 151 -51.60 14.62 -5.48
C THR B 151 -51.45 13.48 -6.49
N ARG B 152 -51.88 12.29 -6.07
CA ARG B 152 -51.89 11.08 -6.92
C ARG B 152 -50.51 10.60 -7.39
N GLY B 153 -49.46 10.97 -6.68
CA GLY B 153 -48.09 10.58 -7.06
C GLY B 153 -47.61 11.25 -8.34
N ARG B 154 -48.16 12.42 -8.64
CA ARG B 154 -47.81 13.16 -9.85
C ARG B 154 -46.36 13.59 -9.89
N GLY B 155 -45.89 14.18 -8.79
CA GLY B 155 -44.53 14.67 -8.67
C GLY B 155 -43.53 13.59 -9.00
N ILE B 156 -43.80 12.39 -8.52
CA ILE B 156 -42.92 11.24 -8.71
C ILE B 156 -42.93 10.73 -10.16
N GLU B 157 -44.09 10.66 -10.79
CA GLU B 157 -44.14 10.29 -12.20
C GLU B 157 -43.41 11.30 -13.06
N ALA B 158 -43.56 12.59 -12.74
CA ALA B 158 -42.78 13.64 -13.42
C ALA B 158 -41.28 13.46 -13.20
N LEU B 159 -40.89 13.12 -11.97
CA LEU B 159 -39.47 12.91 -11.64
C LEU B 159 -38.87 11.73 -12.42
N LYS B 160 -39.67 10.67 -12.59
CA LYS B 160 -39.22 9.49 -13.36
C LYS B 160 -39.07 9.80 -14.85
N LEU B 161 -39.91 10.70 -15.38
CA LEU B 161 -39.80 11.15 -16.77
C LEU B 161 -38.49 11.92 -16.96
N ALA B 162 -38.21 12.82 -16.02
CA ALA B 162 -36.98 13.61 -16.05
C ALA B 162 -35.75 12.73 -16.00
N ILE B 163 -35.80 11.66 -15.21
CA ILE B 163 -34.71 10.68 -15.16
C ILE B 163 -34.50 10.05 -16.53
N ASP B 164 -35.59 9.67 -17.20
CA ASP B 164 -35.51 9.03 -18.51
C ASP B 164 -35.02 9.98 -19.61
N ARG B 165 -35.10 11.29 -19.37
CA ARG B 165 -34.59 12.29 -20.32
C ARG B 165 -33.37 13.04 -19.80
N TYR B 166 -32.65 12.47 -18.84
CA TYR B 166 -31.58 13.24 -18.18
C TYR B 166 -30.42 13.46 -19.13
N LYS B 167 -29.66 14.51 -18.87
CA LYS B 167 -28.59 14.92 -19.75
C LYS B 167 -27.64 15.83 -19.00
N ALA B 168 -26.54 16.20 -19.66
CA ALA B 168 -25.60 17.13 -19.07
C ALA B 168 -26.32 18.43 -18.74
N ASN B 169 -25.94 19.08 -17.65
CA ASN B 169 -26.46 20.39 -17.32
C ASN B 169 -26.07 21.37 -18.42
N GLU B 170 -26.95 22.32 -18.70
CA GLU B 170 -26.64 23.38 -19.67
C GLU B 170 -25.52 24.27 -19.13
N ASN B 171 -24.61 24.66 -20.01
CA ASN B 171 -23.46 25.50 -19.65
C ASN B 171 -23.82 26.97 -19.41
N VAL B 172 -24.80 27.22 -18.56
CA VAL B 172 -25.13 28.58 -18.16
C VAL B 172 -24.03 29.13 -17.24
N GLU B 173 -23.84 30.44 -17.27
CA GLU B 173 -22.96 31.08 -16.31
C GLU B 173 -23.72 31.20 -15.01
N LEU B 174 -23.16 30.60 -13.95
CA LEU B 174 -23.76 30.68 -12.64
C LEU B 174 -23.15 31.85 -11.89
N VAL B 175 -22.12 31.58 -11.10
CA VAL B 175 -21.50 32.61 -10.27
C VAL B 175 -20.50 33.37 -11.11
N HIS B 176 -20.47 34.69 -10.96
CA HIS B 176 -19.52 35.53 -11.70
C HIS B 176 -18.37 35.97 -10.80
N TYR B 177 -17.33 35.14 -10.75
CA TYR B 177 -16.16 35.41 -9.93
C TYR B 177 -15.27 36.46 -10.58
N ALA B 178 -14.63 37.28 -9.75
CA ALA B 178 -13.66 38.25 -10.25
C ALA B 178 -12.57 37.50 -11.00
N GLN B 179 -12.08 38.09 -12.09
CA GLN B 179 -11.15 37.41 -12.98
C GLN B 179 -9.89 36.86 -12.31
N PRO B 180 -9.28 37.64 -11.39
CA PRO B 180 -8.09 37.13 -10.69
C PRO B 180 -8.33 35.79 -9.97
N LEU B 181 -9.53 35.62 -9.41
CA LEU B 181 -9.87 34.37 -8.70
C LEU B 181 -9.96 33.18 -9.65
N LEU B 182 -10.51 33.39 -10.83
CA LEU B 182 -10.59 32.36 -11.86
C LEU B 182 -9.21 31.98 -12.37
N ASN B 183 -8.35 32.98 -12.60
CA ASN B 183 -7.00 32.74 -13.11
C ASN B 183 -6.17 31.90 -12.15
N GLU B 184 -6.20 32.26 -10.87
CA GLU B 184 -5.46 31.54 -9.84
C GLU B 184 -6.01 30.14 -9.63
N ALA B 185 -7.33 30.02 -9.55
CA ALA B 185 -7.97 28.71 -9.43
C ALA B 185 -7.55 27.79 -10.58
N ASP B 186 -7.46 28.35 -11.79
CA ASP B 186 -7.07 27.59 -12.97
C ASP B 186 -5.60 27.20 -12.95
N SER B 187 -4.73 28.07 -12.42
CA SER B 187 -3.31 27.74 -12.28
C SER B 187 -3.14 26.58 -11.31
N LEU B 188 -3.92 26.58 -10.24
CA LEU B 188 -3.92 25.46 -9.31
C LEU B 188 -4.43 24.21 -9.99
N ALA B 189 -5.50 24.35 -10.76
CA ALA B 189 -6.09 23.25 -11.51
C ALA B 189 -5.09 22.52 -12.40
N LYS B 190 -4.22 23.28 -13.07
CA LYS B 190 -3.23 22.71 -13.98
C LYS B 190 -2.28 21.72 -13.30
N VAL B 191 -1.90 21.99 -12.05
CA VAL B 191 -0.93 21.14 -11.35
C VAL B 191 -1.56 20.03 -10.51
N MET B 192 -2.89 19.92 -10.53
CA MET B 192 -3.60 18.88 -9.79
C MET B 192 -3.59 17.58 -10.59
N PRO B 193 -3.75 16.43 -9.90
CA PRO B 193 -3.76 15.13 -10.56
C PRO B 193 -4.58 15.13 -11.86
N SER B 194 -3.98 14.61 -12.93
CA SER B 194 -4.59 14.61 -14.27
C SER B 194 -5.85 13.75 -14.41
N ASP B 195 -6.04 12.80 -13.49
CA ASP B 195 -7.23 11.93 -13.51
C ASP B 195 -8.52 12.66 -13.14
N ILE B 196 -8.42 13.80 -12.46
CA ILE B 196 -9.59 14.57 -12.07
C ILE B 196 -10.03 15.47 -13.23
N PRO B 197 -11.34 15.46 -13.58
CA PRO B 197 -11.81 16.31 -14.68
C PRO B 197 -11.59 17.81 -14.44
N LEU B 198 -11.35 18.55 -15.53
CA LEU B 198 -10.95 19.96 -15.48
C LEU B 198 -11.88 20.83 -14.65
N LYS B 199 -13.18 20.72 -14.91
CA LYS B 199 -14.19 21.51 -14.20
C LYS B 199 -14.13 21.28 -12.69
N GLN B 200 -13.86 20.04 -12.28
CA GLN B 200 -13.76 19.70 -10.86
C GLN B 200 -12.45 20.20 -10.25
N ARG B 201 -11.37 20.17 -11.03
CA ARG B 201 -10.10 20.74 -10.58
C ARG B 201 -10.22 22.25 -10.40
N ARG B 202 -10.93 22.90 -11.30
CA ARG B 202 -11.24 24.32 -11.14
C ARG B 202 -12.08 24.59 -9.90
N TRP B 203 -13.07 23.74 -9.63
CA TRP B 203 -13.89 23.86 -8.43
C TRP B 203 -13.04 23.66 -7.19
N LEU B 204 -12.22 22.60 -7.18
CA LEU B 204 -11.33 22.32 -6.05
C LEU B 204 -10.39 23.51 -5.79
N GLY B 205 -9.85 24.08 -6.86
CA GLY B 205 -8.96 25.23 -6.75
C GLY B 205 -9.62 26.42 -6.07
N LEU B 206 -10.85 26.69 -6.47
CA LEU B 206 -11.63 27.78 -5.88
C LEU B 206 -11.88 27.51 -4.39
N GLN B 207 -12.25 26.28 -4.05
CA GLN B 207 -12.49 25.90 -2.64
C GLN B 207 -11.22 26.08 -1.81
N MET B 208 -10.07 25.72 -2.38
CA MET B 208 -8.79 25.89 -1.69
C MET B 208 -8.49 27.36 -1.44
N LEU B 209 -8.74 28.21 -2.43
CA LEU B 209 -8.56 29.65 -2.28
C LEU B 209 -9.53 30.22 -1.23
N GLU B 210 -10.69 29.58 -1.06
CA GLU B 210 -11.64 29.99 -0.03
C GLU B 210 -11.24 29.54 1.37
N GLY B 211 -10.31 28.58 1.47
CA GLY B 211 -9.77 28.13 2.74
C GLY B 211 -10.28 26.78 3.21
N ASP B 212 -10.90 26.01 2.31
CA ASP B 212 -11.33 24.65 2.65
C ASP B 212 -10.14 23.71 2.66
N ILE B 213 -9.81 23.17 3.83
CA ILE B 213 -8.59 22.35 3.98
C ILE B 213 -8.78 20.96 3.38
N TYR B 214 -9.98 20.39 3.50
CA TYR B 214 -10.28 19.06 2.97
C TYR B 214 -10.08 18.97 1.45
N SER B 215 -10.43 20.03 0.73
CA SER B 215 -10.20 20.11 -0.72
C SER B 215 -8.73 19.93 -1.13
N ARG B 216 -7.81 20.33 -0.24
CA ARG B 216 -6.37 20.19 -0.52
C ARG B 216 -5.99 18.73 -0.74
N ALA B 217 -6.59 17.84 0.05
CA ALA B 217 -6.32 16.39 -0.06
C ALA B 217 -6.55 15.83 -1.46
N TYR B 218 -7.44 16.43 -2.23
CA TYR B 218 -7.72 16.02 -3.61
C TYR B 218 -6.78 16.65 -4.65
N ALA B 219 -6.13 17.75 -4.29
CA ALA B 219 -5.45 18.60 -5.26
C ALA B 219 -3.98 18.23 -5.50
N GLY B 220 -3.45 17.32 -4.69
CA GLY B 220 -2.07 16.88 -4.86
C GLY B 220 -1.05 17.99 -4.74
N GLU B 221 -0.28 18.20 -5.80
CA GLU B 221 0.81 19.19 -5.80
C GLU B 221 0.33 20.65 -5.64
N ALA B 222 -0.95 20.90 -5.94
CA ALA B 222 -1.51 22.25 -5.91
C ALA B 222 -1.36 22.94 -4.55
N SER B 223 -1.49 22.17 -3.47
CA SER B 223 -1.37 22.75 -2.12
C SER B 223 -0.02 23.45 -1.89
N GLN B 224 1.02 23.03 -2.61
CA GLN B 224 2.32 23.70 -2.53
C GLN B 224 2.32 25.11 -3.15
N HIS B 225 1.40 25.36 -4.08
CA HIS B 225 1.33 26.64 -4.80
C HIS B 225 0.25 27.57 -4.25
N LEU B 226 -0.43 27.14 -3.20
CA LEU B 226 -1.58 27.87 -2.64
C LEU B 226 -1.14 29.17 -1.98
N ASP B 227 -0.10 29.09 -1.16
CA ASP B 227 0.40 30.27 -0.44
C ASP B 227 0.80 31.39 -1.41
N ALA B 228 1.55 31.03 -2.45
CA ALA B 228 1.93 31.97 -3.49
C ALA B 228 0.71 32.54 -4.20
N ALA B 229 -0.29 31.69 -4.45
CA ALA B 229 -1.53 32.14 -5.10
C ALA B 229 -2.33 33.12 -4.24
N LEU B 230 -2.44 32.83 -2.94
CA LEU B 230 -3.17 33.71 -2.02
C LEU B 230 -2.47 35.06 -1.86
N ALA B 231 -1.14 35.06 -1.80
CA ALA B 231 -0.37 36.30 -1.72
C ALA B 231 -0.62 37.20 -2.91
N ARG B 232 -0.59 36.61 -4.11
CA ARG B 232 -0.94 37.35 -5.33
C ARG B 232 -2.35 37.93 -5.25
N LEU B 233 -3.30 37.16 -4.73
CA LEU B 233 -4.69 37.60 -4.61
C LEU B 233 -4.87 38.70 -3.56
N ARG B 234 -4.16 38.59 -2.44
CA ARG B 234 -4.28 39.57 -1.37
C ARG B 234 -3.71 40.94 -1.75
N ASN B 235 -2.74 40.96 -2.67
CA ASN B 235 -2.30 42.21 -3.27
C ASN B 235 -3.37 42.82 -4.19
N GLU B 236 -4.11 41.96 -4.89
CA GLU B 236 -5.15 42.42 -5.83
C GLU B 236 -6.45 42.88 -5.17
N MET B 237 -6.82 42.24 -4.05
CA MET B 237 -8.09 42.57 -3.39
C MET B 237 -8.04 42.36 -1.88
N PRO B 240 -9.96 38.14 -0.44
CA PRO B 240 -10.37 37.36 -1.61
C PRO B 240 -11.33 36.22 -1.27
N ALA B 241 -11.13 35.58 -0.12
CA ALA B 241 -12.04 34.51 0.33
C ALA B 241 -13.48 35.01 0.43
N LEU B 242 -13.64 36.22 0.94
CA LEU B 242 -14.96 36.85 1.07
C LEU B 242 -15.56 37.20 -0.30
N HIS B 243 -14.70 37.51 -1.28
CA HIS B 243 -15.15 37.77 -2.65
C HIS B 243 -15.73 36.52 -3.30
N ILE B 244 -15.12 35.37 -3.02
CA ILE B 244 -15.65 34.09 -3.48
C ILE B 244 -17.05 33.87 -2.91
N ALA B 245 -17.19 34.03 -1.59
CA ALA B 245 -18.47 33.87 -0.92
C ALA B 245 -19.51 34.89 -1.41
N ASP B 246 -19.12 36.16 -1.49
CA ASP B 246 -20.06 37.21 -1.88
C ASP B 246 -20.58 37.03 -3.31
N ALA B 247 -19.71 36.57 -4.22
CA ALA B 247 -20.11 36.29 -5.58
C ALA B 247 -21.18 35.20 -5.63
N ARG B 248 -21.04 34.20 -4.75
CA ARG B 248 -22.01 33.09 -4.70
C ARG B 248 -23.37 33.58 -4.25
N TYR B 249 -23.41 34.38 -3.19
CA TYR B 249 -24.69 34.88 -2.66
C TYR B 249 -25.34 35.94 -3.57
N GLN B 250 -24.53 36.74 -4.26
CA GLN B 250 -25.04 37.67 -5.27
C GLN B 250 -25.81 36.91 -6.35
N CYS B 251 -25.20 35.84 -6.83
CA CYS B 251 -25.81 34.96 -7.82
C CYS B 251 -27.15 34.41 -7.33
N ILE B 252 -27.15 33.84 -6.13
CA ILE B 252 -28.36 33.23 -5.57
C ILE B 252 -29.45 34.28 -5.37
N ALA B 253 -29.09 35.42 -4.77
CA ALA B 253 -30.05 36.50 -4.54
C ALA B 253 -30.65 36.98 -5.84
N ALA B 254 -29.81 37.18 -6.85
CA ALA B 254 -30.28 37.59 -8.17
C ALA B 254 -31.29 36.60 -8.77
N ILE B 255 -31.04 35.30 -8.63
CA ILE B 255 -31.97 34.27 -9.10
C ILE B 255 -33.30 34.34 -8.34
N CYS B 256 -33.20 34.44 -7.02
CA CYS B 256 -34.38 34.41 -6.17
C CYS B 256 -35.25 35.66 -6.34
N ASP B 257 -34.63 36.82 -6.60
CA ASP B 257 -35.37 38.04 -6.91
C ASP B 257 -36.36 37.86 -8.06
N VAL B 258 -35.96 37.08 -9.06
CA VAL B 258 -36.81 36.78 -10.22
C VAL B 258 -37.71 35.59 -9.96
N VAL B 259 -37.13 34.52 -9.39
CA VAL B 259 -37.80 33.23 -9.27
C VAL B 259 -38.86 33.14 -8.15
N SER B 260 -38.65 33.86 -7.04
CA SER B 260 -39.60 33.82 -5.93
C SER B 260 -40.34 35.13 -5.81
N ASN B 261 -41.66 35.05 -5.63
CA ASN B 261 -42.52 36.23 -5.50
C ASN B 261 -43.57 36.02 -4.39
N LYS C 2 32.81 0.92 -24.24
CA LYS C 2 32.50 -0.51 -24.06
C LYS C 2 31.17 -0.71 -23.34
N LYS C 3 30.33 -1.59 -23.91
CA LYS C 3 29.13 -2.04 -23.24
C LYS C 3 29.52 -3.10 -22.22
N LEU C 4 28.88 -3.10 -21.06
CA LEU C 4 29.05 -4.17 -20.08
C LEU C 4 27.70 -4.78 -19.79
N THR C 5 27.71 -6.08 -19.55
CA THR C 5 26.55 -6.81 -19.04
C THR C 5 26.86 -7.24 -17.62
N ILE C 6 26.04 -6.79 -16.68
CA ILE C 6 26.21 -7.13 -15.30
C ILE C 6 25.00 -7.90 -14.80
N GLY C 7 25.26 -9.00 -14.11
CA GLY C 7 24.21 -9.76 -13.44
C GLY C 7 24.11 -9.33 -11.99
N LEU C 8 22.90 -9.08 -11.52
CA LEU C 8 22.66 -8.67 -10.14
C LEU C 8 22.10 -9.87 -9.36
N ILE C 9 22.83 -10.33 -8.36
CA ILE C 9 22.53 -11.59 -7.67
C ILE C 9 22.61 -11.50 -6.16
N GLY C 10 21.68 -12.15 -5.47
CA GLY C 10 21.69 -12.16 -4.02
C GLY C 10 20.55 -12.98 -3.47
N ASN C 11 20.58 -13.19 -2.15
CA ASN C 11 19.49 -13.83 -1.45
C ASN C 11 18.23 -13.01 -1.60
N PRO C 12 17.05 -13.63 -1.43
CA PRO C 12 15.83 -12.83 -1.42
C PRO C 12 15.79 -11.92 -0.18
N ASN C 13 15.11 -10.79 -0.31
CA ASN C 13 15.03 -9.79 0.77
C ASN C 13 16.42 -9.24 1.16
N SER C 14 17.31 -9.13 0.19
CA SER C 14 18.63 -8.53 0.40
C SER C 14 18.70 -7.08 -0.08
N GLY C 15 17.59 -6.59 -0.65
CA GLY C 15 17.50 -5.23 -1.18
C GLY C 15 17.87 -5.14 -2.66
N LYS C 16 17.72 -6.25 -3.37
CA LYS C 16 18.13 -6.36 -4.77
C LYS C 16 17.29 -5.47 -5.68
N THR C 17 15.97 -5.55 -5.52
CA THR C 17 15.04 -4.73 -6.32
C THR C 17 15.29 -3.24 -6.08
N THR C 18 15.42 -2.88 -4.80
CA THR C 18 15.67 -1.48 -4.42
C THR C 18 16.92 -0.95 -5.11
N LEU C 19 18.00 -1.72 -5.05
CA LEU C 19 19.24 -1.37 -5.72
C LEU C 19 19.05 -1.31 -7.22
N PHE C 20 18.41 -2.35 -7.77
CA PHE C 20 18.13 -2.40 -9.20
C PHE C 20 17.44 -1.12 -9.67
N ASN C 21 16.37 -0.72 -8.99
CA ASN C 21 15.60 0.47 -9.39
C ASN C 21 16.41 1.76 -9.29
N GLN C 22 17.24 1.87 -8.25
CA GLN C 22 18.08 3.05 -8.04
C GLN C 22 19.15 3.22 -9.11
N LEU C 23 19.64 2.11 -9.66
CA LEU C 23 20.62 2.16 -10.74
C LEU C 23 19.96 2.43 -12.09
N THR C 24 18.84 1.74 -12.36
CA THR C 24 18.23 1.79 -13.69
C THR C 24 17.19 2.89 -13.82
N GLY C 25 16.61 3.31 -12.70
CA GLY C 25 15.54 4.31 -12.71
C GLY C 25 14.35 3.82 -13.53
N SER C 26 13.98 4.59 -14.53
CA SER C 26 12.86 4.23 -15.41
C SER C 26 13.34 3.51 -16.67
N ARG C 27 14.66 3.40 -16.86
CA ARG C 27 15.22 2.71 -18.03
C ARG C 27 15.28 1.20 -17.78
N GLN C 28 14.12 0.56 -17.69
CA GLN C 28 14.06 -0.88 -17.46
C GLN C 28 12.90 -1.57 -18.19
N ARG C 29 13.02 -2.89 -18.32
CA ARG C 29 12.01 -3.73 -18.97
C ARG C 29 11.73 -4.95 -18.12
N VAL C 30 10.47 -5.35 -18.06
CA VAL C 30 10.08 -6.58 -17.39
C VAL C 30 9.62 -7.58 -18.43
N GLY C 31 10.23 -8.75 -18.41
CA GLY C 31 9.82 -9.87 -19.26
C GLY C 31 9.81 -11.13 -18.42
N ASN C 32 9.96 -12.27 -19.09
CA ASN C 32 10.06 -13.55 -18.39
C ASN C 32 11.18 -14.38 -18.98
N TRP C 33 11.70 -15.32 -18.20
CA TRP C 33 12.69 -16.27 -18.71
C TRP C 33 11.96 -17.27 -19.58
N ALA C 34 12.62 -17.75 -20.64
CA ALA C 34 11.95 -18.48 -21.72
C ALA C 34 11.02 -19.61 -21.25
N GLY C 35 9.73 -19.47 -21.56
CA GLY C 35 8.76 -20.52 -21.30
C GLY C 35 8.26 -20.64 -19.87
N VAL C 36 8.83 -19.87 -18.95
CA VAL C 36 8.42 -19.95 -17.54
C VAL C 36 7.83 -18.62 -17.06
N THR C 37 7.09 -18.69 -15.96
CA THR C 37 6.44 -17.51 -15.38
C THR C 37 7.36 -16.73 -14.41
N VAL C 38 8.65 -17.07 -14.37
CA VAL C 38 9.61 -16.33 -13.57
C VAL C 38 9.97 -15.01 -14.25
N GLU C 39 9.87 -13.92 -13.52
CA GLU C 39 10.20 -12.59 -14.03
C GLU C 39 11.69 -12.44 -14.41
N ARG C 40 11.94 -11.71 -15.49
CA ARG C 40 13.30 -11.35 -15.91
C ARG C 40 13.35 -9.84 -16.14
N LYS C 41 13.91 -9.12 -15.16
CA LYS C 41 14.06 -7.67 -15.25
C LYS C 41 15.43 -7.32 -15.79
N GLU C 42 15.44 -6.43 -16.77
CA GLU C 42 16.67 -5.95 -17.38
C GLU C 42 16.61 -4.43 -17.43
N GLY C 43 17.75 -3.78 -17.24
CA GLY C 43 17.80 -2.31 -17.21
C GLY C 43 19.12 -1.72 -17.66
N GLN C 44 19.14 -0.39 -17.75
CA GLN C 44 20.25 0.36 -18.32
C GLN C 44 20.73 1.43 -17.37
N PHE C 45 22.06 1.60 -17.30
CA PHE C 45 22.64 2.80 -16.70
C PHE C 45 24.06 3.01 -17.23
N SER C 46 24.63 4.16 -16.90
CA SER C 46 25.95 4.51 -17.36
C SER C 46 26.86 4.83 -16.19
N THR C 47 28.14 4.57 -16.40
CA THR C 47 29.21 4.97 -15.50
C THR C 47 30.08 5.95 -16.28
N THR C 48 31.21 6.34 -15.71
CA THR C 48 32.17 7.20 -16.40
C THR C 48 32.68 6.56 -17.70
N ASP C 49 32.95 5.26 -17.68
CA ASP C 49 33.53 4.56 -18.82
C ASP C 49 32.61 3.59 -19.58
N HIS C 50 31.46 3.24 -19.01
CA HIS C 50 30.65 2.16 -19.57
C HIS C 50 29.17 2.47 -19.70
N GLN C 51 28.53 1.80 -20.67
CA GLN C 51 27.07 1.72 -20.72
C GLN C 51 26.72 0.30 -20.29
N VAL C 52 26.00 0.19 -19.18
CA VAL C 52 25.78 -1.09 -18.53
C VAL C 52 24.37 -1.61 -18.78
N THR C 53 24.29 -2.88 -19.18
CA THR C 53 23.03 -3.61 -19.17
C THR C 53 22.99 -4.41 -17.89
N LEU C 54 22.05 -4.10 -17.00
CA LEU C 54 21.93 -4.80 -15.73
C LEU C 54 20.80 -5.81 -15.79
N VAL C 55 21.12 -7.09 -15.57
CA VAL C 55 20.11 -8.13 -15.56
C VAL C 55 19.88 -8.57 -14.11
N ASP C 56 18.64 -8.44 -13.64
CA ASP C 56 18.28 -8.91 -12.31
C ASP C 56 18.06 -10.42 -12.33
N LEU C 57 18.77 -11.14 -11.46
CA LEU C 57 18.63 -12.59 -11.37
C LEU C 57 17.70 -12.94 -10.21
N PRO C 58 17.00 -14.08 -10.32
CA PRO C 58 16.08 -14.46 -9.23
C PRO C 58 16.83 -14.64 -7.91
N GLY C 59 16.25 -14.13 -6.84
CA GLY C 59 16.82 -14.28 -5.51
C GLY C 59 17.08 -15.75 -5.20
N THR C 60 18.18 -16.04 -4.54
CA THR C 60 18.53 -17.42 -4.22
C THR C 60 19.56 -17.50 -3.09
N TYR C 61 19.50 -18.59 -2.33
CA TYR C 61 20.43 -18.84 -1.23
C TYR C 61 21.60 -19.72 -1.64
N SER C 62 21.47 -20.42 -2.77
CA SER C 62 22.52 -21.31 -3.25
C SER C 62 22.33 -21.65 -4.73
N LEU C 63 23.44 -21.77 -5.45
CA LEU C 63 23.40 -22.18 -6.86
C LEU C 63 23.17 -23.68 -7.00
N THR C 64 23.26 -24.42 -5.91
CA THR C 64 23.23 -25.87 -5.94
C THR C 64 22.24 -26.40 -4.91
N THR C 65 21.77 -27.63 -5.12
CA THR C 65 20.89 -28.28 -4.14
C THR C 65 21.36 -29.71 -3.86
N ILE C 66 21.35 -30.07 -2.57
CA ILE C 66 21.81 -31.36 -2.07
C ILE C 66 20.64 -32.27 -1.65
N SER C 67 19.49 -31.68 -1.36
CA SER C 67 18.34 -32.46 -0.88
C SER C 67 17.34 -32.71 -2.01
N SER C 68 16.45 -31.74 -2.23
CA SER C 68 15.28 -31.96 -3.06
C SER C 68 15.35 -31.23 -4.40
N GLN C 69 14.38 -31.52 -5.25
CA GLN C 69 14.21 -30.84 -6.53
C GLN C 69 14.21 -29.32 -6.30
N THR C 70 15.06 -28.64 -7.05
CA THR C 70 15.25 -27.20 -6.89
C THR C 70 14.10 -26.38 -7.48
N SER C 71 14.03 -25.13 -7.06
CA SER C 71 13.08 -24.17 -7.63
C SER C 71 13.58 -23.71 -9.00
N LEU C 72 12.69 -23.19 -9.82
CA LEU C 72 13.07 -22.64 -11.11
C LEU C 72 13.97 -21.42 -10.92
N ASP C 73 13.65 -20.60 -9.92
CA ASP C 73 14.44 -19.40 -9.62
C ASP C 73 15.92 -19.76 -9.48
N GLU C 74 16.21 -20.74 -8.62
CA GLU C 74 17.58 -21.19 -8.38
C GLU C 74 18.25 -21.68 -9.66
N GLN C 75 17.51 -22.50 -10.43
CA GLN C 75 18.04 -23.05 -11.70
C GLN C 75 18.37 -21.97 -12.70
N ILE C 76 17.51 -20.97 -12.79
CA ILE C 76 17.74 -19.87 -13.71
C ILE C 76 18.98 -19.08 -13.27
N ALA C 77 19.10 -18.80 -11.98
CA ALA C 77 20.26 -18.13 -11.45
C ALA C 77 21.54 -18.89 -11.81
N CYS C 78 21.58 -20.17 -11.47
CA CYS C 78 22.76 -21.02 -11.72
C CYS C 78 23.11 -21.04 -13.20
N HIS C 79 22.11 -21.30 -14.03
CA HIS C 79 22.31 -21.41 -15.46
C HIS C 79 22.89 -20.12 -16.05
N TYR C 80 22.36 -18.97 -15.63
CA TYR C 80 22.87 -17.69 -16.10
C TYR C 80 24.31 -17.43 -15.64
N ILE C 81 24.61 -17.78 -14.39
CA ILE C 81 25.96 -17.61 -13.84
C ILE C 81 26.98 -18.44 -14.63
N LEU C 82 26.67 -19.71 -14.88
CA LEU C 82 27.59 -20.59 -15.59
C LEU C 82 27.68 -20.32 -17.10
N SER C 83 26.72 -19.57 -17.65
CA SER C 83 26.72 -19.26 -19.09
C SER C 83 27.80 -18.26 -19.51
N GLY C 84 28.27 -17.45 -18.57
CA GLY C 84 29.27 -16.42 -18.87
C GLY C 84 28.76 -15.28 -19.75
N ASP C 85 27.45 -15.02 -19.74
CA ASP C 85 26.88 -13.88 -20.45
C ASP C 85 27.24 -12.56 -19.78
N ALA C 86 27.28 -12.55 -18.45
CA ALA C 86 27.68 -11.37 -17.70
C ALA C 86 29.20 -11.21 -17.71
N ASP C 87 29.65 -9.97 -17.88
CA ASP C 87 31.06 -9.63 -17.76
C ASP C 87 31.47 -9.60 -16.28
N LEU C 88 30.54 -9.21 -15.43
CA LEU C 88 30.75 -9.31 -13.99
C LEU C 88 29.42 -9.43 -13.26
N LEU C 89 29.51 -9.74 -11.97
CA LEU C 89 28.34 -9.84 -11.12
C LEU C 89 28.43 -8.81 -10.02
N ILE C 90 27.30 -8.21 -9.68
CA ILE C 90 27.15 -7.48 -8.43
C ILE C 90 26.37 -8.37 -7.49
N ASN C 91 27.03 -8.77 -6.41
CA ASN C 91 26.44 -9.64 -5.41
C ASN C 91 25.94 -8.79 -4.25
N VAL C 92 24.63 -8.64 -4.16
CA VAL C 92 24.01 -7.81 -3.14
C VAL C 92 23.88 -8.61 -1.85
N VAL C 93 24.52 -8.11 -0.79
CA VAL C 93 24.63 -8.84 0.46
C VAL C 93 23.99 -8.06 1.62
N ASP C 94 23.21 -8.77 2.42
CA ASP C 94 22.57 -8.21 3.62
C ASP C 94 23.58 -8.16 4.75
N ALA C 95 24.08 -6.96 5.05
CA ALA C 95 25.10 -6.78 6.09
C ALA C 95 24.64 -7.22 7.48
N SER C 96 23.34 -7.11 7.75
CA SER C 96 22.78 -7.51 9.04
C SER C 96 22.69 -9.03 9.22
N ASN C 97 22.84 -9.79 8.13
CA ASN C 97 22.74 -11.24 8.16
C ASN C 97 23.88 -11.84 7.33
N LEU C 98 25.10 -11.39 7.61
CA LEU C 98 26.25 -11.64 6.73
C LEU C 98 26.59 -13.11 6.52
N GLU C 99 26.60 -13.89 7.59
CA GLU C 99 27.09 -15.26 7.51
C GLU C 99 26.26 -16.13 6.56
N ARG C 100 24.93 -16.04 6.68
CA ARG C 100 24.02 -16.78 5.79
C ARG C 100 24.17 -16.32 4.33
N ASN C 101 24.42 -15.02 4.14
CA ASN C 101 24.53 -14.43 2.80
C ASN C 101 25.81 -14.86 2.07
N LEU C 102 26.89 -15.08 2.82
CA LEU C 102 28.18 -15.42 2.21
C LEU C 102 28.25 -16.81 1.56
N TYR C 103 27.28 -17.68 1.86
CA TYR C 103 27.29 -19.02 1.23
C TYR C 103 27.18 -18.90 -0.29
N LEU C 104 26.25 -18.08 -0.76
CA LEU C 104 26.15 -17.77 -2.18
C LEU C 104 27.39 -17.05 -2.69
N THR C 105 27.84 -16.04 -1.95
CA THR C 105 29.05 -15.29 -2.30
C THR C 105 30.24 -16.23 -2.55
N LEU C 106 30.45 -17.18 -1.64
CA LEU C 106 31.53 -18.14 -1.77
C LEU C 106 31.42 -18.95 -3.06
N GLN C 107 30.21 -19.36 -3.41
CA GLN C 107 30.00 -20.13 -4.64
C GLN C 107 30.50 -19.37 -5.88
N LEU C 108 30.17 -18.08 -5.93
CA LEU C 108 30.54 -17.24 -7.07
C LEU C 108 32.05 -17.05 -7.15
N LEU C 109 32.69 -16.98 -5.98
CA LEU C 109 34.13 -16.76 -5.90
C LEU C 109 34.91 -18.04 -6.20
N GLU C 110 34.39 -19.18 -5.75
CA GLU C 110 34.97 -20.47 -6.12
C GLU C 110 34.92 -20.71 -7.63
N LEU C 111 33.88 -20.19 -8.28
CA LEU C 111 33.76 -20.28 -9.74
C LEU C 111 34.67 -19.31 -10.48
N GLY C 112 35.24 -18.34 -9.78
CA GLY C 112 36.15 -17.37 -10.38
C GLY C 112 35.48 -16.26 -11.17
N ILE C 113 34.19 -16.05 -10.97
CA ILE C 113 33.48 -15.01 -11.70
C ILE C 113 33.79 -13.63 -11.10
N PRO C 114 34.22 -12.66 -11.93
CA PRO C 114 34.48 -11.32 -11.43
C PRO C 114 33.27 -10.77 -10.70
N CYS C 115 33.49 -10.39 -9.44
CA CYS C 115 32.42 -10.03 -8.54
CA CYS C 115 32.43 -10.03 -8.51
C CYS C 115 32.68 -8.70 -7.87
N ILE C 116 31.61 -7.97 -7.57
CA ILE C 116 31.66 -6.83 -6.66
C ILE C 116 30.57 -7.13 -5.64
N VAL C 117 30.96 -7.18 -4.36
CA VAL C 117 29.99 -7.36 -3.28
C VAL C 117 29.46 -5.99 -2.90
N ALA C 118 28.15 -5.81 -3.01
CA ALA C 118 27.48 -4.60 -2.57
C ALA C 118 26.91 -4.86 -1.19
N LEU C 119 27.56 -4.32 -0.16
CA LEU C 119 27.09 -4.47 1.21
C LEU C 119 25.89 -3.57 1.46
N ASN C 120 24.73 -4.19 1.58
CA ASN C 120 23.47 -3.47 1.73
C ASN C 120 22.97 -3.53 3.16
N MET C 121 21.91 -2.78 3.44
CA MET C 121 21.24 -2.79 4.73
C MET C 121 22.21 -2.54 5.89
N LEU C 122 23.05 -1.53 5.71
CA LEU C 122 23.95 -1.07 6.75
C LEU C 122 23.09 -0.35 7.77
N ASP C 123 22.15 0.42 7.25
CA ASP C 123 21.05 1.05 8.00
C ASP C 123 20.56 0.17 9.15
N ILE C 124 20.16 -1.06 8.82
CA ILE C 124 19.66 -2.03 9.78
C ILE C 124 20.78 -2.51 10.70
N ALA C 125 21.88 -2.97 10.10
CA ALA C 125 23.06 -3.44 10.84
C ALA C 125 23.54 -2.44 11.89
N GLU C 126 23.54 -1.16 11.53
CA GLU C 126 23.92 -0.09 12.45
C GLU C 126 22.94 -0.02 13.62
N LYS C 127 21.66 0.12 13.31
CA LYS C 127 20.59 0.12 14.33
C LYS C 127 20.58 -1.15 15.18
N GLN C 128 21.11 -2.26 14.65
CA GLN C 128 21.22 -3.51 15.39
C GLN C 128 22.63 -3.78 15.95
N ASN C 129 23.43 -2.73 16.09
CA ASN C 129 24.79 -2.82 16.65
C ASN C 129 25.68 -3.86 15.98
N ILE C 130 25.69 -3.85 14.65
CA ILE C 130 26.55 -4.76 13.88
C ILE C 130 27.54 -3.94 13.06
N ARG C 131 28.82 -4.17 13.31
CA ARG C 131 29.89 -3.53 12.55
C ARG C 131 30.56 -4.56 11.65
N ILE C 132 30.69 -4.23 10.38
CA ILE C 132 31.40 -5.07 9.42
C ILE C 132 32.72 -4.38 9.06
N GLU C 133 33.83 -5.12 9.18
CA GLU C 133 35.14 -4.63 8.75
C GLU C 133 35.29 -4.83 7.25
N ILE C 134 35.14 -3.75 6.49
CA ILE C 134 34.99 -3.83 5.03
C ILE C 134 36.23 -4.36 4.32
N ASP C 135 37.39 -3.80 4.65
CA ASP C 135 38.64 -4.19 4.00
C ASP C 135 39.14 -5.55 4.42
N ALA C 136 38.87 -5.95 5.66
CA ALA C 136 39.13 -7.32 6.09
C ALA C 136 38.30 -8.31 5.26
N LEU C 137 37.04 -7.97 5.03
CA LEU C 137 36.16 -8.83 4.22
C LEU C 137 36.64 -8.89 2.78
N SER C 138 36.90 -7.72 2.19
CA SER C 138 37.39 -7.65 0.81
C SER C 138 38.65 -8.48 0.63
N ALA C 139 39.56 -8.39 1.59
CA ALA C 139 40.82 -9.14 1.54
C ALA C 139 40.59 -10.66 1.60
N ARG C 140 39.63 -11.12 2.39
CA ARG C 140 39.37 -12.57 2.50
C ARG C 140 38.58 -13.12 1.32
N LEU C 141 37.71 -12.30 0.74
CA LEU C 141 36.97 -12.68 -0.46
C LEU C 141 37.81 -12.56 -1.72
N GLY C 142 38.73 -11.59 -1.75
CA GLY C 142 39.51 -11.31 -2.94
C GLY C 142 38.73 -10.54 -4.00
N CYS C 143 37.67 -9.86 -3.58
CA CYS C 143 36.93 -8.98 -4.48
C CYS C 143 36.53 -7.70 -3.73
N PRO C 144 36.16 -6.65 -4.46
CA PRO C 144 35.75 -5.41 -3.80
C PRO C 144 34.48 -5.54 -2.95
N VAL C 145 34.45 -4.81 -1.85
CA VAL C 145 33.26 -4.74 -1.01
C VAL C 145 32.86 -3.28 -0.88
N ILE C 146 31.73 -2.93 -1.48
CA ILE C 146 31.24 -1.55 -1.52
C ILE C 146 30.05 -1.38 -0.57
N PRO C 147 30.17 -0.49 0.42
CA PRO C 147 29.02 -0.23 1.30
C PRO C 147 27.96 0.61 0.59
N LEU C 148 26.70 0.24 0.74
CA LEU C 148 25.63 0.99 0.08
C LEU C 148 25.00 2.02 1.02
N VAL C 149 25.42 3.27 0.86
CA VAL C 149 24.88 4.41 1.60
C VAL C 149 23.74 5.08 0.82
N GLY C 153 22.49 8.90 -2.79
CA GLY C 153 23.02 7.88 -3.69
C GLY C 153 24.53 7.84 -3.70
N ARG C 154 25.13 7.91 -2.52
CA ARG C 154 26.58 7.93 -2.38
C ARG C 154 27.15 6.54 -2.68
N GLY C 155 26.52 5.52 -2.10
CA GLY C 155 26.90 4.12 -2.34
C GLY C 155 26.85 3.77 -3.80
N ILE C 156 25.86 4.31 -4.51
CA ILE C 156 25.66 4.06 -5.93
C ILE C 156 26.85 4.57 -6.73
N GLU C 157 27.31 5.78 -6.41
CA GLU C 157 28.46 6.37 -7.07
C GLU C 157 29.75 5.59 -6.78
N ALA C 158 29.88 5.10 -5.55
CA ALA C 158 31.01 4.24 -5.17
C ALA C 158 30.94 2.90 -5.91
N LEU C 159 29.73 2.38 -6.09
CA LEU C 159 29.51 1.14 -6.84
C LEU C 159 29.89 1.33 -8.31
N LYS C 160 29.53 2.48 -8.87
CA LYS C 160 29.88 2.82 -10.24
C LYS C 160 31.41 2.97 -10.42
N LEU C 161 32.06 3.53 -9.43
CA LEU C 161 33.52 3.64 -9.44
C LEU C 161 34.14 2.25 -9.47
N ALA C 162 33.63 1.36 -8.61
CA ALA C 162 34.07 -0.02 -8.60
C ALA C 162 33.87 -0.70 -9.96
N ILE C 163 32.73 -0.43 -10.61
CA ILE C 163 32.49 -1.03 -11.93
C ILE C 163 33.58 -0.61 -12.93
N ASP C 164 33.88 0.69 -12.96
CA ASP C 164 34.90 1.20 -13.89
C ASP C 164 36.32 0.69 -13.59
N ARG C 165 36.55 0.21 -12.37
CA ARG C 165 37.84 -0.34 -11.99
C ARG C 165 37.90 -1.87 -12.00
N TYR C 166 36.85 -2.52 -12.49
CA TYR C 166 36.68 -3.95 -12.24
C TYR C 166 37.73 -4.77 -12.99
N LYS C 167 38.16 -5.85 -12.37
CA LYS C 167 39.11 -6.77 -12.96
C LYS C 167 38.88 -8.14 -12.32
N ALA C 168 39.68 -9.12 -12.72
CA ALA C 168 39.58 -10.45 -12.14
C ALA C 168 39.70 -10.37 -10.62
N ASN C 169 39.01 -11.26 -9.92
CA ASN C 169 39.13 -11.33 -8.47
C ASN C 169 40.54 -11.75 -8.09
N GLU C 170 41.01 -11.35 -6.91
CA GLU C 170 42.29 -11.86 -6.42
C GLU C 170 42.10 -13.35 -6.14
N ASN C 171 43.04 -14.16 -6.63
CA ASN C 171 42.94 -15.61 -6.52
C ASN C 171 43.50 -16.12 -5.18
N VAL C 172 42.75 -15.83 -4.11
CA VAL C 172 43.10 -16.23 -2.76
C VAL C 172 42.53 -17.63 -2.48
N GLU C 173 43.06 -18.31 -1.46
CA GLU C 173 42.45 -19.58 -1.07
C GLU C 173 41.20 -19.26 -0.25
N LEU C 174 40.16 -20.03 -0.52
CA LEU C 174 38.87 -19.82 0.12
C LEU C 174 38.59 -20.98 1.05
N VAL C 175 38.11 -22.10 0.51
CA VAL C 175 37.82 -23.26 1.33
C VAL C 175 39.00 -24.21 1.27
N HIS C 176 39.32 -24.84 2.39
CA HIS C 176 40.42 -25.78 2.43
C HIS C 176 39.88 -27.21 2.43
N TYR C 177 39.73 -27.79 1.24
CA TYR C 177 39.23 -29.15 1.10
C TYR C 177 40.29 -30.20 1.38
N ALA C 178 39.85 -31.36 1.86
CA ALA C 178 40.72 -32.51 2.05
C ALA C 178 41.23 -33.02 0.71
N GLN C 179 42.44 -33.57 0.73
CA GLN C 179 43.16 -33.97 -0.48
C GLN C 179 42.44 -34.97 -1.37
N PRO C 180 41.90 -36.07 -0.80
CA PRO C 180 41.15 -37.02 -1.63
C PRO C 180 40.00 -36.39 -2.45
N LEU C 181 39.32 -35.39 -1.88
CA LEU C 181 38.23 -34.70 -2.58
C LEU C 181 38.72 -33.93 -3.80
N LEU C 182 39.85 -33.23 -3.63
CA LEU C 182 40.45 -32.48 -4.73
C LEU C 182 40.91 -33.41 -5.83
N ASN C 183 41.45 -34.56 -5.45
CA ASN C 183 41.95 -35.54 -6.41
C ASN C 183 40.84 -36.10 -7.29
N GLU C 184 39.73 -36.48 -6.68
CA GLU C 184 38.62 -37.05 -7.43
C GLU C 184 37.86 -35.96 -8.21
N ALA C 185 37.78 -34.76 -7.66
CA ALA C 185 37.16 -33.63 -8.35
C ALA C 185 37.96 -33.30 -9.62
N ASP C 186 39.28 -33.45 -9.53
CA ASP C 186 40.15 -33.21 -10.67
C ASP C 186 40.03 -34.30 -11.73
N SER C 187 39.87 -35.56 -11.30
CA SER C 187 39.67 -36.66 -12.24
C SER C 187 38.37 -36.49 -13.04
N LEU C 188 37.30 -36.05 -12.38
CA LEU C 188 36.05 -35.73 -13.08
C LEU C 188 36.21 -34.49 -13.95
N ALA C 189 36.90 -33.48 -13.44
CA ALA C 189 37.09 -32.23 -14.18
C ALA C 189 37.71 -32.45 -15.57
N LYS C 190 38.64 -33.39 -15.69
CA LYS C 190 39.38 -33.52 -16.95
C LYS C 190 38.66 -34.26 -18.09
N VAL C 191 37.45 -34.76 -17.85
CA VAL C 191 36.58 -35.24 -18.94
C VAL C 191 35.39 -34.31 -19.22
N MET C 192 35.31 -33.19 -18.50
CA MET C 192 34.23 -32.22 -18.69
C MET C 192 34.48 -31.40 -19.96
N PRO C 193 33.43 -30.73 -20.47
CA PRO C 193 33.61 -29.90 -21.66
C PRO C 193 34.80 -28.95 -21.50
N SER C 194 35.67 -28.92 -22.51
CA SER C 194 36.92 -28.16 -22.42
C SER C 194 36.71 -26.65 -22.47
N ASP C 195 35.56 -26.20 -22.96
CA ASP C 195 35.26 -24.75 -23.02
C ASP C 195 34.98 -24.12 -21.65
N ILE C 196 34.71 -24.96 -20.64
CA ILE C 196 34.48 -24.47 -19.27
C ILE C 196 35.85 -24.21 -18.62
N PRO C 197 36.01 -23.07 -17.94
CA PRO C 197 37.26 -22.81 -17.22
C PRO C 197 37.57 -23.90 -16.19
N LEU C 198 38.85 -24.28 -16.09
CA LEU C 198 39.30 -25.36 -15.21
C LEU C 198 38.84 -25.19 -13.78
N LYS C 199 38.84 -23.95 -13.31
CA LYS C 199 38.44 -23.63 -11.95
C LYS C 199 36.95 -23.98 -11.73
N GLN C 200 36.12 -23.71 -12.73
CA GLN C 200 34.70 -24.06 -12.66
C GLN C 200 34.49 -25.57 -12.80
N ARG C 201 35.28 -26.20 -13.67
CA ARG C 201 35.22 -27.64 -13.86
C ARG C 201 35.54 -28.37 -12.56
N ARG C 202 36.50 -27.84 -11.81
CA ARG C 202 36.84 -28.40 -10.52
C ARG C 202 35.76 -28.11 -9.50
N TRP C 203 35.19 -26.91 -9.54
CA TRP C 203 34.06 -26.59 -8.70
C TRP C 203 32.90 -27.58 -8.94
N LEU C 204 32.54 -27.80 -10.20
CA LEU C 204 31.46 -28.73 -10.55
C LEU C 204 31.68 -30.15 -10.03
N GLY C 205 32.88 -30.67 -10.26
CA GLY C 205 33.24 -32.01 -9.81
C GLY C 205 33.06 -32.18 -8.32
N LEU C 206 33.35 -31.12 -7.58
CA LEU C 206 33.21 -31.15 -6.13
C LEU C 206 31.74 -31.16 -5.73
N GLN C 207 30.92 -30.38 -6.43
CA GLN C 207 29.49 -30.33 -6.15
C GLN C 207 28.87 -31.71 -6.42
N MET C 208 29.29 -32.34 -7.51
CA MET C 208 28.83 -33.70 -7.85
C MET C 208 29.19 -34.68 -6.73
N LEU C 209 30.42 -34.61 -6.25
CA LEU C 209 30.86 -35.49 -5.18
C LEU C 209 30.15 -35.24 -3.85
N GLU C 210 29.70 -34.01 -3.61
CA GLU C 210 28.97 -33.68 -2.38
C GLU C 210 27.57 -34.30 -2.38
N GLY C 211 27.10 -34.68 -3.57
CA GLY C 211 25.81 -35.32 -3.72
C GLY C 211 24.77 -34.33 -4.16
N ASP C 212 25.17 -33.33 -4.94
CA ASP C 212 24.22 -32.35 -5.44
C ASP C 212 23.52 -32.98 -6.63
N ILE C 213 22.48 -32.31 -7.13
CA ILE C 213 21.63 -32.91 -8.15
C ILE C 213 21.99 -32.44 -9.56
N TYR C 214 22.16 -31.13 -9.73
CA TYR C 214 22.18 -30.52 -11.07
C TYR C 214 23.55 -30.23 -11.68
N SER C 215 24.60 -30.15 -10.87
CA SER C 215 25.96 -29.96 -11.41
C SER C 215 26.33 -31.00 -12.47
N ARG C 216 25.87 -32.23 -12.26
CA ARG C 216 25.83 -33.28 -13.29
C ARG C 216 25.55 -32.75 -14.70
N ALA C 217 24.50 -31.95 -14.81
CA ALA C 217 23.99 -31.49 -16.11
C ALA C 217 24.90 -30.47 -16.81
N TYR C 218 25.81 -29.85 -16.06
CA TYR C 218 26.79 -28.94 -16.65
C TYR C 218 28.12 -29.63 -16.93
N ALA C 219 28.37 -30.77 -16.28
CA ALA C 219 29.67 -31.45 -16.36
C ALA C 219 29.79 -32.42 -17.55
N GLY C 220 28.76 -32.49 -18.39
CA GLY C 220 28.77 -33.35 -19.57
C GLY C 220 29.13 -34.80 -19.29
N GLU C 221 30.08 -35.32 -20.07
CA GLU C 221 30.56 -36.71 -20.00
C GLU C 221 30.95 -37.18 -18.58
N ALA C 222 31.45 -36.26 -17.76
CA ALA C 222 31.84 -36.57 -16.37
C ALA C 222 30.69 -37.18 -15.56
N SER C 223 29.47 -36.82 -15.93
CA SER C 223 28.26 -37.40 -15.34
C SER C 223 28.27 -38.93 -15.35
N GLN C 224 28.83 -39.52 -16.41
CA GLN C 224 28.88 -40.97 -16.57
C GLN C 224 29.97 -41.67 -15.73
N HIS C 225 30.93 -40.90 -15.21
CA HIS C 225 32.01 -41.44 -14.39
C HIS C 225 31.85 -41.11 -12.90
N LEU C 226 30.71 -40.57 -12.51
CA LEU C 226 30.52 -40.09 -11.14
C LEU C 226 30.55 -41.23 -10.13
N ASP C 227 29.81 -42.29 -10.43
CA ASP C 227 29.69 -43.41 -9.49
C ASP C 227 31.06 -44.01 -9.16
N ALA C 228 31.90 -44.13 -10.18
CA ALA C 228 33.25 -44.67 -10.02
C ALA C 228 34.10 -43.76 -9.13
N ALA C 229 33.94 -42.45 -9.28
CA ALA C 229 34.65 -41.49 -8.44
C ALA C 229 34.15 -41.57 -6.98
N LEU C 230 32.84 -41.66 -6.80
CA LEU C 230 32.24 -41.81 -5.47
C LEU C 230 32.64 -43.13 -4.83
N ALA C 231 32.78 -44.18 -5.64
CA ALA C 231 33.19 -45.49 -5.16
C ALA C 231 34.61 -45.45 -4.60
N ARG C 232 35.53 -44.83 -5.35
CA ARG C 232 36.91 -44.62 -4.86
C ARG C 232 36.96 -43.80 -3.58
N LEU C 233 36.17 -42.73 -3.54
CA LEU C 233 36.13 -41.83 -2.37
C LEU C 233 35.72 -42.53 -1.08
N ARG C 234 34.76 -43.46 -1.18
CA ARG C 234 34.30 -44.27 -0.05
C ARG C 234 35.46 -44.92 0.69
N ASN C 235 36.44 -45.40 -0.07
CA ASN C 235 37.64 -46.02 0.51
C ASN C 235 38.66 -45.00 1.01
N GLU C 236 38.64 -43.80 0.45
CA GLU C 236 39.65 -42.79 0.75
C GLU C 236 39.31 -41.91 1.96
N MET C 237 38.04 -41.78 2.30
CA MET C 237 37.62 -41.02 3.50
C MET C 237 36.20 -41.35 3.96
N ASP C 238 35.88 -40.95 5.19
CA ASP C 238 34.64 -41.36 5.87
C ASP C 238 33.36 -40.87 5.18
N ASP C 239 33.05 -39.59 5.31
CA ASP C 239 31.82 -39.03 4.72
C ASP C 239 32.15 -37.75 3.93
N PRO C 240 32.19 -37.86 2.58
CA PRO C 240 32.53 -36.76 1.67
C PRO C 240 31.67 -35.50 1.84
N ALA C 241 30.34 -35.66 1.84
CA ALA C 241 29.43 -34.54 1.96
C ALA C 241 29.59 -33.82 3.30
N LEU C 242 29.77 -34.58 4.37
CA LEU C 242 30.03 -33.99 5.68
C LEU C 242 31.30 -33.14 5.65
N HIS C 243 32.39 -33.70 5.11
CA HIS C 243 33.67 -33.01 5.09
C HIS C 243 33.62 -31.75 4.23
N ILE C 244 32.91 -31.82 3.10
CA ILE C 244 32.75 -30.66 2.22
C ILE C 244 31.98 -29.54 2.93
N ALA C 245 30.85 -29.88 3.54
CA ALA C 245 30.06 -28.92 4.29
C ALA C 245 30.84 -28.37 5.47
N ASP C 246 31.54 -29.23 6.20
CA ASP C 246 32.35 -28.78 7.32
C ASP C 246 33.46 -27.82 6.86
N ALA C 247 34.04 -28.10 5.70
CA ALA C 247 35.08 -27.24 5.12
C ALA C 247 34.54 -25.85 4.78
N ARG C 248 33.42 -25.80 4.06
CA ARG C 248 32.77 -24.52 3.76
C ARG C 248 32.42 -23.75 5.02
N TYR C 249 31.79 -24.43 5.98
CA TYR C 249 31.42 -23.79 7.23
C TYR C 249 32.65 -23.21 7.92
N GLN C 250 33.71 -24.01 8.02
CA GLN C 250 34.98 -23.58 8.61
C GLN C 250 35.48 -22.28 7.96
N CYS C 251 35.39 -22.22 6.63
CA CYS C 251 35.86 -21.05 5.88
C CYS C 251 35.01 -19.83 6.19
N ILE C 252 33.70 -19.97 6.06
CA ILE C 252 32.78 -18.86 6.28
C ILE C 252 32.83 -18.36 7.71
N ALA C 253 32.82 -19.29 8.66
CA ALA C 253 32.86 -18.95 10.08
C ALA C 253 34.14 -18.18 10.44
N ALA C 254 35.27 -18.66 9.96
CA ALA C 254 36.56 -17.99 10.17
C ALA C 254 36.55 -16.54 9.68
N ILE C 255 35.95 -16.35 8.51
CA ILE C 255 35.81 -15.01 7.93
C ILE C 255 34.92 -14.13 8.80
N CYS C 256 33.76 -14.65 9.18
CA CYS C 256 32.82 -13.84 9.95
C CYS C 256 33.35 -13.50 11.34
N ASP C 257 34.07 -14.44 11.96
CA ASP C 257 34.73 -14.19 13.26
C ASP C 257 35.65 -12.98 13.24
N VAL C 258 36.33 -12.74 12.12
CA VAL C 258 37.22 -11.57 11.98
C VAL C 258 36.45 -10.32 11.58
N VAL C 259 35.52 -10.49 10.66
CA VAL C 259 34.91 -9.38 9.93
C VAL C 259 33.76 -8.70 10.67
N SER C 260 33.12 -9.42 11.60
CA SER C 260 32.03 -8.85 12.41
C SER C 260 32.05 -9.37 13.83
S SO4 D . -5.76 4.56 25.84
O1 SO4 D . -4.42 5.04 26.21
O2 SO4 D . -6.46 4.00 27.02
O3 SO4 D . -6.53 5.72 25.30
O4 SO4 D . -5.68 3.51 24.81
S SO4 E . -4.70 1.96 -18.69
O1 SO4 E . -3.24 1.81 -18.82
O2 SO4 E . -5.03 2.74 -17.48
O3 SO4 E . -5.26 2.66 -19.86
O4 SO4 E . -5.30 0.60 -18.59
S SO4 F . 14.89 -8.29 -2.76
O1 SO4 F . 14.62 -7.20 -1.78
O2 SO4 F . 13.98 -9.42 -2.51
O3 SO4 F . 14.71 -7.76 -4.12
O4 SO4 F . 16.29 -8.77 -2.59
#